data_2DVD
#
_entry.id   2DVD
#
_cell.length_a   126.44
_cell.length_b   124.64
_cell.length_c   75.69
_cell.angle_alpha   90.00
_cell.angle_beta   90.00
_cell.angle_gamma   90.00
#
_symmetry.space_group_name_H-M   'P 21 21 2'
#
loop_
_entity.id
_entity.type
_entity.pdbx_description
1 polymer 'Galactose-binding lectin'
2 branched beta-D-galactopyranose-(1-3)-beta-D-galactopyranose
3 non-polymer 'CALCIUM ION'
4 non-polymer 'MANGANESE (II) ION'
5 non-polymer 'SULFATE ION'
6 water water
#
_entity_poly.entity_id   1
_entity_poly.type   'polypeptide(L)'
_entity_poly.pdbx_seq_one_letter_code
;AETVSFNFNSFSEGNPAINFQGDVTVLSNGNIQLTNLNKVNSVGRVLYAMPVRIWSSATGNVASFLTSFSFEMKDIKDYD
PADGIIFFIAPEDTQIPAGSIGGGTLGVSDTKGAGHFVGVEFDTYSNSEYNDPPTDHVGIDVNSVDSVKTVPWNSVSGAV
VKVTVIYDSSTKTLSVAVTNDNGDITTIAQVVDLKAKLPERVKFGFSASGSLGGRQIHLIRSWSFTSTLITTTRRS
;
_entity_poly.pdbx_strand_id   A,B,C,D
#
loop_
_chem_comp.id
_chem_comp.type
_chem_comp.name
_chem_comp.formula
CA non-polymer 'CALCIUM ION' 'Ca 2'
GAL D-saccharide, beta linking beta-D-galactopyranose 'C6 H12 O6'
MN non-polymer 'MANGANESE (II) ION' 'Mn 2'
SO4 non-polymer 'SULFATE ION' 'O4 S -2'
#
# COMPACT_ATOMS: atom_id res chain seq x y z
N ALA A 1 14.20 1.28 -8.20
CA ALA A 1 13.16 0.66 -9.06
C ALA A 1 12.03 1.64 -9.35
N GLU A 2 11.43 1.51 -10.54
CA GLU A 2 10.34 2.39 -10.94
C GLU A 2 9.04 1.60 -10.85
N THR A 3 8.17 2.03 -9.94
CA THR A 3 6.91 1.35 -9.70
C THR A 3 5.65 2.19 -9.88
N VAL A 4 4.65 1.57 -10.48
CA VAL A 4 3.35 2.20 -10.69
C VAL A 4 2.33 1.29 -10.02
N SER A 5 1.58 1.82 -9.05
CA SER A 5 0.59 1.02 -8.37
C SER A 5 -0.64 1.84 -8.01
N PHE A 6 -1.80 1.30 -8.32
CA PHE A 6 -3.06 1.96 -8.03
C PHE A 6 -4.10 0.91 -7.68
N ASN A 7 -5.21 1.35 -7.10
CA ASN A 7 -6.26 0.43 -6.70
C ASN A 7 -7.62 1.09 -6.72
N PHE A 8 -8.44 0.71 -7.70
CA PHE A 8 -9.79 1.22 -7.85
C PHE A 8 -10.77 0.24 -7.22
N ASN A 9 -11.45 0.67 -6.16
CA ASN A 9 -12.44 -0.17 -5.49
C ASN A 9 -13.78 0.13 -6.16
N SER A 10 -13.84 1.27 -6.84
CA SER A 10 -15.02 1.72 -7.55
C SER A 10 -14.55 2.82 -8.49
N PHE A 11 -15.45 3.32 -9.32
CA PHE A 11 -15.08 4.36 -10.27
C PHE A 11 -16.03 5.57 -10.21
N SER A 12 -15.63 6.65 -10.88
CA SER A 12 -16.41 7.88 -10.96
C SER A 12 -16.02 8.57 -12.26
N GLU A 13 -17.01 9.12 -12.95
CA GLU A 13 -16.76 9.76 -14.25
C GLU A 13 -15.81 10.96 -14.23
N GLY A 14 -15.77 11.68 -13.12
CA GLY A 14 -14.89 12.83 -13.03
C GLY A 14 -13.46 12.53 -12.60
N ASN A 15 -13.16 11.25 -12.35
CA ASN A 15 -11.82 10.86 -11.92
C ASN A 15 -10.81 10.96 -13.06
N PRO A 16 -9.90 11.94 -12.99
CA PRO A 16 -8.87 12.16 -14.02
C PRO A 16 -7.92 10.99 -14.24
N ALA A 17 -7.90 10.03 -13.31
CA ALA A 17 -7.02 8.88 -13.45
C ALA A 17 -7.55 7.86 -14.47
N ILE A 18 -8.70 8.15 -15.05
CA ILE A 18 -9.30 7.25 -16.03
C ILE A 18 -9.73 7.87 -17.34
N ASN A 19 -9.23 7.33 -18.44
CA ASN A 19 -9.56 7.80 -19.78
C ASN A 19 -10.76 6.98 -20.24
N PHE A 20 -11.85 7.66 -20.59
CA PHE A 20 -13.05 6.97 -21.07
C PHE A 20 -13.12 7.08 -22.59
N GLN A 21 -13.37 5.97 -23.26
CA GLN A 21 -13.46 5.99 -24.71
C GLN A 21 -14.73 5.30 -25.17
N GLY A 22 -15.39 5.87 -26.16
CA GLY A 22 -16.60 5.27 -26.68
C GLY A 22 -17.82 5.33 -25.79
N ASP A 23 -18.64 4.28 -25.87
CA ASP A 23 -19.90 4.19 -25.13
C ASP A 23 -19.78 3.86 -23.65
N VAL A 24 -18.61 4.09 -23.04
CA VAL A 24 -18.44 3.80 -21.63
C VAL A 24 -19.30 4.69 -20.74
N THR A 25 -19.82 4.12 -19.66
CA THR A 25 -20.64 4.86 -18.73
C THR A 25 -20.36 4.37 -17.32
N VAL A 26 -20.60 5.22 -16.33
CA VAL A 26 -20.38 4.84 -14.93
C VAL A 26 -21.72 4.77 -14.21
N LEU A 27 -21.99 3.63 -13.58
CA LEU A 27 -23.24 3.44 -12.85
C LEU A 27 -23.16 4.06 -11.47
N SER A 28 -24.33 4.35 -10.89
CA SER A 28 -24.42 4.97 -9.58
C SER A 28 -23.77 4.12 -8.49
N ASN A 29 -23.58 2.84 -8.78
CA ASN A 29 -22.97 1.93 -7.80
C ASN A 29 -21.44 1.92 -7.93
N GLY A 30 -20.91 2.81 -8.77
CA GLY A 30 -19.47 2.88 -8.96
C GLY A 30 -18.91 1.97 -10.04
N ASN A 31 -19.75 1.08 -10.55
CA ASN A 31 -19.33 0.15 -11.59
C ASN A 31 -19.19 0.85 -12.92
N ILE A 32 -18.28 0.36 -13.75
CA ILE A 32 -18.10 0.91 -15.08
C ILE A 32 -18.86 -0.03 -16.01
N GLN A 33 -19.64 0.54 -16.91
CA GLN A 33 -20.38 -0.23 -17.90
C GLN A 33 -19.77 0.15 -19.24
N LEU A 34 -19.13 -0.81 -19.89
CA LEU A 34 -18.45 -0.55 -21.15
C LEU A 34 -19.28 -0.33 -22.42
N THR A 35 -20.35 -1.08 -22.61
CA THR A 35 -21.15 -0.90 -23.83
C THR A 35 -22.53 -0.27 -23.65
N ASN A 36 -23.04 0.31 -24.74
CA ASN A 36 -24.35 0.94 -24.76
C ASN A 36 -25.32 -0.11 -25.29
N LEU A 37 -26.19 -0.59 -24.41
CA LEU A 37 -27.19 -1.61 -24.75
C LEU A 37 -28.11 -1.27 -25.91
N ASN A 38 -28.24 0.01 -26.23
CA ASN A 38 -29.13 0.43 -27.30
C ASN A 38 -28.46 0.80 -28.62
N LYS A 39 -27.13 0.71 -28.67
CA LYS A 39 -26.39 1.04 -29.89
C LYS A 39 -25.87 -0.15 -30.66
N VAL A 40 -25.95 -0.07 -31.99
CA VAL A 40 -25.45 -1.12 -32.86
C VAL A 40 -23.92 -1.03 -32.83
N ASN A 41 -23.25 -2.17 -32.85
CA ASN A 41 -21.79 -2.20 -32.84
C ASN A 41 -21.19 -1.31 -31.75
N SER A 42 -21.73 -1.44 -30.55
CA SER A 42 -21.24 -0.64 -29.44
C SER A 42 -19.81 -0.98 -29.05
N VAL A 43 -19.06 0.03 -28.65
CA VAL A 43 -17.68 -0.15 -28.21
C VAL A 43 -17.40 0.84 -27.10
N GLY A 44 -16.89 0.33 -25.99
CA GLY A 44 -16.56 1.18 -24.86
C GLY A 44 -15.26 0.68 -24.28
N ARG A 45 -14.36 1.60 -23.93
CA ARG A 45 -13.08 1.21 -23.37
C ARG A 45 -12.72 2.15 -22.24
N VAL A 46 -11.94 1.65 -21.30
CA VAL A 46 -11.51 2.45 -20.16
C VAL A 46 -10.02 2.22 -20.02
N LEU A 47 -9.27 3.30 -19.80
CA LEU A 47 -7.82 3.19 -19.66
C LEU A 47 -7.31 3.94 -18.43
N TYR A 48 -6.25 3.41 -17.83
CA TYR A 48 -5.64 4.10 -16.71
C TYR A 48 -5.01 5.29 -17.43
N ALA A 49 -5.43 6.50 -17.05
CA ALA A 49 -4.97 7.74 -17.70
C ALA A 49 -3.47 7.95 -17.88
N MET A 50 -2.68 7.45 -16.96
CA MET A 50 -1.24 7.64 -17.03
C MET A 50 -0.47 6.59 -17.84
N PRO A 51 0.44 7.04 -18.71
CA PRO A 51 1.21 6.10 -19.52
C PRO A 51 2.13 5.32 -18.58
N VAL A 52 2.29 4.03 -18.83
CA VAL A 52 3.16 3.22 -18.01
C VAL A 52 4.35 2.78 -18.84
N ARG A 53 5.55 3.04 -18.33
CA ARG A 53 6.74 2.65 -19.06
C ARG A 53 7.03 1.20 -18.68
N ILE A 54 6.75 0.27 -19.59
CA ILE A 54 6.95 -1.13 -19.33
C ILE A 54 8.34 -1.66 -19.63
N TRP A 55 9.14 -0.89 -20.36
CA TRP A 55 10.51 -1.29 -20.63
C TRP A 55 11.39 -0.10 -21.00
N SER A 56 12.68 -0.23 -20.72
CA SER A 56 13.63 0.84 -20.97
C SER A 56 14.55 0.57 -22.14
N SER A 57 14.63 1.54 -23.04
CA SER A 57 15.50 1.44 -24.21
C SER A 57 16.95 1.62 -23.75
N ALA A 58 17.13 2.35 -22.66
CA ALA A 58 18.45 2.61 -22.12
C ALA A 58 19.07 1.42 -21.42
N THR A 59 18.26 0.59 -20.76
CA THR A 59 18.77 -0.56 -20.04
C THR A 59 18.33 -1.90 -20.66
N GLY A 60 17.29 -1.88 -21.47
CA GLY A 60 16.81 -3.11 -22.05
C GLY A 60 15.92 -3.88 -21.07
N ASN A 61 15.77 -3.35 -19.87
CA ASN A 61 14.94 -3.98 -18.85
C ASN A 61 13.44 -3.89 -19.15
N VAL A 62 12.72 -4.92 -18.75
CA VAL A 62 11.28 -4.98 -18.93
C VAL A 62 10.67 -5.14 -17.53
N ALA A 63 9.52 -4.51 -17.31
CA ALA A 63 8.87 -4.57 -16.02
C ALA A 63 8.02 -5.82 -15.83
N SER A 64 7.79 -6.17 -14.57
CA SER A 64 6.93 -7.29 -14.21
C SER A 64 5.71 -6.57 -13.66
N PHE A 65 4.56 -7.23 -13.64
CA PHE A 65 3.40 -6.58 -13.05
C PHE A 65 2.41 -7.58 -12.49
N LEU A 66 1.72 -7.15 -11.44
CA LEU A 66 0.71 -7.97 -10.79
C LEU A 66 -0.54 -7.13 -10.85
N THR A 67 -1.63 -7.70 -11.37
CA THR A 67 -2.87 -6.95 -11.46
C THR A 67 -4.08 -7.84 -11.26
N SER A 68 -5.04 -7.34 -10.50
CA SER A 68 -6.27 -8.07 -10.23
C SER A 68 -7.46 -7.19 -10.55
N PHE A 69 -8.52 -7.80 -11.07
CA PHE A 69 -9.72 -7.06 -11.38
C PHE A 69 -10.92 -7.99 -11.35
N SER A 70 -12.10 -7.41 -11.20
CA SER A 70 -13.33 -8.19 -11.18
C SER A 70 -14.30 -7.56 -12.16
N PHE A 71 -15.00 -8.40 -12.90
CA PHE A 71 -15.96 -7.91 -13.87
C PHE A 71 -17.23 -8.73 -13.84
N GLU A 72 -18.24 -8.27 -14.57
CA GLU A 72 -19.51 -8.97 -14.63
C GLU A 72 -20.16 -8.78 -15.99
N MET A 73 -20.66 -9.89 -16.53
CA MET A 73 -21.37 -9.86 -17.79
C MET A 73 -22.75 -10.46 -17.55
N LYS A 74 -23.79 -9.73 -17.91
CA LYS A 74 -25.15 -10.22 -17.71
C LYS A 74 -26.00 -10.12 -18.97
N ASP A 75 -26.74 -11.19 -19.27
CA ASP A 75 -27.59 -11.23 -20.44
C ASP A 75 -28.72 -10.22 -20.33
N ILE A 76 -29.41 -9.99 -21.44
CA ILE A 76 -30.56 -9.11 -21.52
C ILE A 76 -31.41 -9.67 -22.64
N LYS A 77 -32.67 -9.26 -22.71
CA LYS A 77 -33.55 -9.70 -23.80
C LYS A 77 -33.18 -8.75 -24.93
N ASP A 78 -33.17 -9.21 -26.18
CA ASP A 78 -33.49 -10.56 -26.62
C ASP A 78 -32.25 -10.90 -27.44
N TYR A 79 -31.23 -10.07 -27.26
CA TYR A 79 -29.96 -10.18 -27.96
C TYR A 79 -29.12 -11.34 -27.45
N ASP A 80 -28.23 -11.83 -28.33
CA ASP A 80 -27.32 -12.90 -27.95
C ASP A 80 -26.33 -12.28 -26.97
N PRO A 81 -25.98 -12.99 -25.90
CA PRO A 81 -25.02 -12.45 -24.94
C PRO A 81 -23.64 -12.39 -25.57
N ALA A 82 -23.27 -11.22 -26.08
CA ALA A 82 -21.97 -11.03 -26.74
C ALA A 82 -21.52 -9.57 -26.56
N ASP A 83 -20.26 -9.25 -26.84
CA ASP A 83 -19.26 -10.19 -27.34
C ASP A 83 -18.17 -10.55 -26.33
N GLY A 84 -18.06 -9.79 -25.25
CA GLY A 84 -17.04 -10.10 -24.25
C GLY A 84 -16.19 -8.92 -23.84
N ILE A 85 -15.27 -9.17 -22.92
CA ILE A 85 -14.38 -8.13 -22.39
C ILE A 85 -12.92 -8.51 -22.60
N ILE A 86 -12.07 -7.52 -22.82
CA ILE A 86 -10.66 -7.79 -22.95
C ILE A 86 -9.81 -6.80 -22.15
N PHE A 87 -8.90 -7.35 -21.37
CA PHE A 87 -7.97 -6.56 -20.57
C PHE A 87 -6.80 -6.41 -21.52
N PHE A 88 -6.48 -5.17 -21.89
CA PHE A 88 -5.39 -4.99 -22.83
C PHE A 88 -4.32 -3.97 -22.48
N ILE A 89 -3.25 -4.02 -23.26
CA ILE A 89 -2.09 -3.14 -23.12
C ILE A 89 -1.83 -2.69 -24.56
N ALA A 90 -1.60 -1.40 -24.74
CA ALA A 90 -1.38 -0.89 -26.08
C ALA A 90 -0.62 0.44 -26.07
N PRO A 91 -0.23 0.94 -27.25
CA PRO A 91 0.49 2.22 -27.33
C PRO A 91 -0.30 3.28 -26.57
N GLU A 92 0.41 4.22 -25.96
CA GLU A 92 -0.24 5.26 -25.18
C GLU A 92 -1.25 6.09 -25.96
N ASP A 93 -1.13 6.08 -27.29
CA ASP A 93 -2.02 6.85 -28.15
C ASP A 93 -3.21 6.03 -28.65
N THR A 94 -3.38 4.83 -28.09
CA THR A 94 -4.46 3.93 -28.51
C THR A 94 -5.86 4.52 -28.43
N GLN A 95 -6.61 4.34 -29.52
CA GLN A 95 -7.99 4.82 -29.61
C GLN A 95 -8.82 3.70 -30.21
N ILE A 96 -10.14 3.80 -30.10
CA ILE A 96 -11.01 2.78 -30.67
C ILE A 96 -10.73 2.78 -32.18
N PRO A 97 -10.55 1.60 -32.77
CA PRO A 97 -10.27 1.51 -34.21
C PRO A 97 -11.31 2.27 -35.04
N ALA A 98 -10.83 3.02 -36.03
CA ALA A 98 -11.70 3.79 -36.91
C ALA A 98 -12.68 2.87 -37.62
N GLY A 99 -13.95 3.28 -37.66
CA GLY A 99 -14.97 2.49 -38.31
C GLY A 99 -15.18 1.14 -37.67
N SER A 100 -14.76 1.00 -36.42
CA SER A 100 -14.91 -0.25 -35.69
C SER A 100 -16.29 -0.84 -35.81
N ILE A 101 -16.35 -2.14 -36.11
CA ILE A 101 -17.64 -2.84 -36.23
C ILE A 101 -17.98 -3.51 -34.91
N GLY A 102 -17.15 -3.27 -33.89
CA GLY A 102 -17.37 -3.86 -32.58
C GLY A 102 -17.43 -5.37 -32.68
N GLY A 103 -18.49 -5.96 -32.11
CA GLY A 103 -18.63 -7.40 -32.17
C GLY A 103 -17.41 -8.19 -31.76
N GLY A 104 -17.02 -9.15 -32.61
CA GLY A 104 -15.87 -9.99 -32.32
C GLY A 104 -14.53 -9.29 -32.23
N THR A 105 -14.45 -8.04 -32.67
CA THR A 105 -13.20 -7.29 -32.60
C THR A 105 -12.89 -6.84 -31.17
N LEU A 106 -13.89 -6.97 -30.29
CA LEU A 106 -13.76 -6.59 -28.88
C LEU A 106 -13.36 -5.13 -28.69
N GLY A 107 -13.46 -4.33 -29.76
CA GLY A 107 -13.12 -2.93 -29.68
C GLY A 107 -11.64 -2.62 -29.72
N VAL A 108 -10.81 -3.61 -30.03
CA VAL A 108 -9.36 -3.40 -30.09
C VAL A 108 -8.73 -3.72 -31.44
N SER A 109 -9.50 -4.29 -32.36
CA SER A 109 -8.94 -4.63 -33.67
C SER A 109 -9.83 -4.17 -34.81
N ASP A 110 -9.30 -4.29 -36.03
CA ASP A 110 -10.06 -3.91 -37.22
C ASP A 110 -10.93 -5.08 -37.65
N THR A 111 -11.58 -4.96 -38.79
CA THR A 111 -12.45 -6.01 -39.30
C THR A 111 -11.73 -7.36 -39.42
N LYS A 112 -10.49 -7.34 -39.87
CA LYS A 112 -9.72 -8.58 -40.02
C LYS A 112 -9.27 -9.16 -38.69
N GLY A 113 -9.49 -8.42 -37.62
CA GLY A 113 -9.11 -8.89 -36.29
C GLY A 113 -7.70 -8.52 -35.86
N ALA A 114 -7.07 -7.63 -36.62
CA ALA A 114 -5.72 -7.20 -36.30
C ALA A 114 -5.70 -5.85 -35.61
N GLY A 115 -4.68 -5.65 -34.77
CA GLY A 115 -4.53 -4.40 -34.05
C GLY A 115 -3.18 -4.38 -33.37
N HIS A 116 -2.85 -3.26 -32.71
CA HIS A 116 -1.59 -3.17 -32.01
C HIS A 116 -1.93 -3.23 -30.52
N PHE A 117 -1.78 -4.40 -29.92
CA PHE A 117 -2.10 -4.58 -28.52
C PHE A 117 -1.78 -5.98 -28.04
N VAL A 118 -1.76 -6.13 -26.71
CA VAL A 118 -1.54 -7.41 -26.07
C VAL A 118 -2.68 -7.47 -25.05
N GLY A 119 -3.39 -8.58 -24.99
CA GLY A 119 -4.49 -8.65 -24.05
C GLY A 119 -5.02 -10.02 -23.66
N VAL A 120 -5.82 -10.04 -22.60
CA VAL A 120 -6.43 -11.25 -22.09
C VAL A 120 -7.93 -11.08 -22.32
N GLU A 121 -8.48 -11.88 -23.22
CA GLU A 121 -9.90 -11.77 -23.52
C GLU A 121 -10.78 -12.79 -22.83
N PHE A 122 -12.01 -12.35 -22.56
CA PHE A 122 -13.03 -13.14 -21.90
C PHE A 122 -14.15 -13.07 -22.93
N ASP A 123 -14.04 -13.98 -23.89
CA ASP A 123 -14.90 -14.11 -25.04
C ASP A 123 -16.16 -14.94 -24.82
N THR A 124 -17.31 -14.37 -25.14
CA THR A 124 -18.58 -15.08 -24.94
C THR A 124 -19.35 -15.40 -26.20
N TYR A 125 -18.69 -15.29 -27.36
CA TYR A 125 -19.35 -15.60 -28.63
C TYR A 125 -18.34 -16.15 -29.63
N SER A 126 -18.70 -17.24 -30.32
CA SER A 126 -17.76 -17.83 -31.26
C SER A 126 -17.75 -17.21 -32.66
N ASN A 127 -16.71 -16.42 -32.94
CA ASN A 127 -16.54 -15.78 -34.25
C ASN A 127 -15.61 -16.66 -35.08
N SER A 128 -16.17 -17.38 -36.05
CA SER A 128 -15.37 -18.25 -36.89
C SER A 128 -14.36 -17.46 -37.71
N GLU A 129 -14.71 -16.25 -38.10
CA GLU A 129 -13.80 -15.43 -38.88
C GLU A 129 -12.52 -15.11 -38.12
N TYR A 130 -12.51 -15.38 -36.81
CA TYR A 130 -11.32 -15.14 -35.98
C TYR A 130 -10.82 -16.43 -35.34
N ASN A 131 -11.28 -17.55 -35.89
CA ASN A 131 -10.89 -18.88 -35.41
C ASN A 131 -11.13 -19.12 -33.92
N ASP A 132 -12.25 -18.62 -33.39
CA ASP A 132 -12.56 -18.84 -31.99
C ASP A 132 -12.92 -20.28 -31.74
N PRO A 133 -12.62 -20.77 -30.52
CA PRO A 133 -12.97 -22.16 -30.25
C PRO A 133 -14.50 -22.18 -30.20
N PRO A 134 -15.13 -23.35 -30.22
CA PRO A 134 -16.60 -23.41 -30.18
C PRO A 134 -17.34 -22.85 -28.97
N THR A 135 -16.74 -22.85 -27.79
CA THR A 135 -17.43 -22.35 -26.60
C THR A 135 -16.74 -21.14 -25.97
N ASP A 136 -17.37 -20.56 -24.96
CA ASP A 136 -16.80 -19.42 -24.25
C ASP A 136 -15.35 -19.75 -23.91
N HIS A 137 -14.51 -18.73 -23.79
CA HIS A 137 -13.11 -18.98 -23.51
C HIS A 137 -12.34 -17.75 -23.08
N VAL A 138 -11.20 -17.99 -22.45
CA VAL A 138 -10.30 -16.94 -22.03
C VAL A 138 -9.16 -17.09 -23.04
N GLY A 139 -8.66 -15.98 -23.56
CA GLY A 139 -7.59 -16.08 -24.54
C GLY A 139 -6.49 -15.07 -24.36
N ILE A 140 -5.31 -15.42 -24.86
CA ILE A 140 -4.16 -14.52 -24.80
C ILE A 140 -4.00 -14.00 -26.22
N ASP A 141 -4.13 -12.70 -26.39
CA ASP A 141 -4.03 -12.10 -27.72
C ASP A 141 -2.80 -11.22 -27.89
N VAL A 142 -2.21 -11.31 -29.08
CA VAL A 142 -1.05 -10.52 -29.43
C VAL A 142 -1.31 -9.92 -30.79
N ASN A 143 -1.69 -8.64 -30.80
CA ASN A 143 -2.00 -7.91 -32.02
C ASN A 143 -3.12 -8.53 -32.85
N SER A 144 -3.94 -9.37 -32.22
CA SER A 144 -5.04 -10.01 -32.94
C SER A 144 -6.03 -10.72 -32.04
N VAL A 145 -7.30 -10.71 -32.45
CA VAL A 145 -8.35 -11.39 -31.68
C VAL A 145 -8.37 -12.86 -32.07
N ASP A 146 -7.50 -13.24 -33.00
CA ASP A 146 -7.37 -14.64 -33.37
C ASP A 146 -6.31 -15.04 -32.33
N SER A 147 -6.79 -15.41 -31.15
CA SER A 147 -5.92 -15.76 -30.04
C SER A 147 -4.72 -16.66 -30.32
N VAL A 148 -3.61 -16.29 -29.70
CA VAL A 148 -2.39 -17.08 -29.80
C VAL A 148 -2.66 -18.36 -29.01
N LYS A 149 -3.58 -18.26 -28.05
CA LYS A 149 -3.92 -19.41 -27.21
C LYS A 149 -5.22 -19.16 -26.46
N THR A 150 -6.01 -20.22 -26.28
CA THR A 150 -7.28 -20.11 -25.56
C THR A 150 -7.46 -21.30 -24.63
N VAL A 151 -8.40 -21.16 -23.71
CA VAL A 151 -8.72 -22.22 -22.78
C VAL A 151 -10.23 -22.19 -22.59
N PRO A 152 -10.87 -23.37 -22.55
CA PRO A 152 -12.33 -23.40 -22.38
C PRO A 152 -12.75 -22.67 -21.10
N TRP A 153 -13.79 -21.87 -21.20
CA TRP A 153 -14.27 -21.13 -20.06
C TRP A 153 -15.78 -20.97 -20.19
N ASN A 154 -16.43 -20.50 -19.13
CA ASN A 154 -17.87 -20.32 -19.16
C ASN A 154 -18.26 -18.99 -18.53
N SER A 155 -18.97 -18.17 -19.29
CA SER A 155 -19.41 -16.88 -18.79
C SER A 155 -20.80 -17.03 -18.21
N VAL A 156 -20.90 -16.90 -16.89
CA VAL A 156 -22.17 -17.04 -16.21
C VAL A 156 -22.84 -15.67 -16.05
N SER A 157 -24.04 -15.55 -16.64
CA SER A 157 -24.81 -14.32 -16.60
C SER A 157 -25.03 -13.80 -15.18
N GLY A 158 -24.62 -12.56 -14.94
CA GLY A 158 -24.78 -11.96 -13.63
C GLY A 158 -23.75 -12.38 -12.61
N ALA A 159 -22.84 -13.27 -13.00
CA ALA A 159 -21.81 -13.75 -12.09
C ALA A 159 -20.61 -12.81 -11.99
N VAL A 160 -20.17 -12.56 -10.76
CA VAL A 160 -19.01 -11.70 -10.54
C VAL A 160 -17.77 -12.56 -10.74
N VAL A 161 -16.86 -12.10 -11.60
CA VAL A 161 -15.65 -12.86 -11.86
C VAL A 161 -14.41 -12.12 -11.40
N LYS A 162 -13.49 -12.85 -10.79
CA LYS A 162 -12.25 -12.28 -10.31
C LYS A 162 -11.11 -12.81 -11.15
N VAL A 163 -10.17 -11.93 -11.48
CA VAL A 163 -9.03 -12.30 -12.30
C VAL A 163 -7.73 -11.78 -11.71
N THR A 164 -6.70 -12.62 -11.72
CA THR A 164 -5.39 -12.21 -11.25
C THR A 164 -4.42 -12.55 -12.37
N VAL A 165 -3.62 -11.57 -12.76
CA VAL A 165 -2.66 -11.75 -13.83
C VAL A 165 -1.25 -11.42 -13.34
N ILE A 166 -0.29 -12.27 -13.70
CA ILE A 166 1.10 -12.05 -13.32
C ILE A 166 1.97 -12.07 -14.57
N TYR A 167 2.76 -11.02 -14.78
CA TYR A 167 3.67 -10.99 -15.90
C TYR A 167 5.08 -10.96 -15.32
N ASP A 168 5.84 -12.02 -15.58
CA ASP A 168 7.21 -12.12 -15.11
C ASP A 168 8.10 -11.71 -16.27
N SER A 169 8.71 -10.53 -16.16
CA SER A 169 9.56 -10.02 -17.26
C SER A 169 10.69 -10.95 -17.64
N SER A 170 11.35 -11.55 -16.65
CA SER A 170 12.46 -12.44 -16.91
C SER A 170 12.12 -13.61 -17.84
N THR A 171 10.97 -14.26 -17.61
CA THR A 171 10.57 -15.37 -18.46
C THR A 171 9.61 -14.90 -19.54
N LYS A 172 9.19 -13.64 -19.46
CA LYS A 172 8.26 -13.08 -20.42
C LYS A 172 6.95 -13.87 -20.38
N THR A 173 6.64 -14.42 -19.21
CA THR A 173 5.43 -15.21 -19.07
C THR A 173 4.24 -14.40 -18.54
N LEU A 174 3.13 -14.49 -19.28
CA LEU A 174 1.87 -13.83 -18.91
C LEU A 174 0.98 -14.95 -18.35
N SER A 175 0.78 -14.95 -17.04
CA SER A 175 -0.03 -15.99 -16.41
C SER A 175 -1.36 -15.45 -15.90
N VAL A 176 -2.44 -16.12 -16.25
CA VAL A 176 -3.79 -15.69 -15.87
C VAL A 176 -4.54 -16.72 -15.04
N ALA A 177 -5.21 -16.24 -13.99
CA ALA A 177 -5.99 -17.10 -13.10
C ALA A 177 -7.38 -16.48 -12.99
N VAL A 178 -8.40 -17.21 -13.42
CA VAL A 178 -9.77 -16.72 -13.39
C VAL A 178 -10.62 -17.53 -12.42
N THR A 179 -11.21 -16.83 -11.46
CA THR A 179 -12.04 -17.49 -10.47
C THR A 179 -13.53 -17.28 -10.74
N ASN A 180 -14.18 -18.34 -11.21
CA ASN A 180 -15.61 -18.28 -11.49
C ASN A 180 -16.43 -18.31 -10.21
N ASP A 181 -17.74 -18.16 -10.36
CA ASP A 181 -18.65 -18.16 -9.23
C ASP A 181 -18.75 -19.53 -8.58
N ASN A 182 -18.77 -20.58 -9.39
CA ASN A 182 -18.87 -21.94 -8.85
C ASN A 182 -17.63 -22.32 -8.04
N GLY A 183 -16.67 -21.40 -7.94
CA GLY A 183 -15.46 -21.68 -7.18
C GLY A 183 -14.25 -22.19 -7.94
N ASP A 184 -14.46 -22.87 -9.07
CA ASP A 184 -13.32 -23.39 -9.83
C ASP A 184 -12.49 -22.25 -10.40
N ILE A 185 -11.20 -22.52 -10.60
CA ILE A 185 -10.33 -21.53 -11.21
C ILE A 185 -9.99 -22.04 -12.60
N THR A 186 -9.77 -21.10 -13.51
CA THR A 186 -9.41 -21.41 -14.87
C THR A 186 -8.12 -20.63 -15.12
N THR A 187 -7.08 -21.31 -15.58
CA THR A 187 -5.82 -20.63 -15.84
C THR A 187 -5.32 -20.83 -17.26
N ILE A 188 -4.54 -19.86 -17.71
CA ILE A 188 -3.93 -19.91 -19.03
C ILE A 188 -2.69 -19.04 -18.96
N ALA A 189 -1.59 -19.52 -19.52
CA ALA A 189 -0.34 -18.78 -19.49
C ALA A 189 0.32 -18.82 -20.87
N GLN A 190 1.05 -17.75 -21.21
CA GLN A 190 1.70 -17.69 -22.51
C GLN A 190 2.91 -16.77 -22.48
N VAL A 191 3.99 -17.22 -23.12
CA VAL A 191 5.19 -16.42 -23.19
C VAL A 191 4.90 -15.32 -24.20
N VAL A 192 5.02 -14.06 -23.76
CA VAL A 192 4.79 -12.93 -24.63
C VAL A 192 5.85 -11.87 -24.34
N ASP A 193 6.63 -11.51 -25.36
CA ASP A 193 7.68 -10.52 -25.21
C ASP A 193 7.11 -9.11 -25.38
N LEU A 194 6.70 -8.49 -24.28
CA LEU A 194 6.12 -7.15 -24.34
C LEU A 194 7.06 -6.14 -25.00
N LYS A 195 8.34 -6.33 -24.77
CA LYS A 195 9.36 -5.45 -25.33
C LYS A 195 9.38 -5.51 -26.85
N ALA A 196 9.15 -6.70 -27.41
CA ALA A 196 9.15 -6.87 -28.86
C ALA A 196 7.81 -6.50 -29.49
N LYS A 197 6.73 -6.60 -28.73
CA LYS A 197 5.41 -6.31 -29.29
C LYS A 197 4.84 -4.93 -29.00
N LEU A 198 5.34 -4.27 -27.96
CA LEU A 198 4.82 -2.95 -27.60
C LEU A 198 5.89 -1.88 -27.44
N PRO A 199 5.48 -0.61 -27.53
CA PRO A 199 6.42 0.50 -27.37
C PRO A 199 6.77 0.61 -25.88
N GLU A 200 7.80 1.39 -25.55
CA GLU A 200 8.22 1.56 -24.16
C GLU A 200 7.12 2.14 -23.28
N ARG A 201 6.32 3.03 -23.85
CA ARG A 201 5.23 3.66 -23.09
C ARG A 201 3.90 3.13 -23.57
N VAL A 202 3.13 2.58 -22.63
CA VAL A 202 1.81 2.02 -22.95
C VAL A 202 0.74 2.44 -21.96
N LYS A 203 -0.48 2.02 -22.23
CA LYS A 203 -1.61 2.28 -21.35
C LYS A 203 -2.37 0.96 -21.16
N PHE A 204 -2.81 0.72 -19.94
CA PHE A 204 -3.55 -0.49 -19.61
C PHE A 204 -5.03 -0.12 -19.49
N GLY A 205 -5.90 -1.07 -19.84
CA GLY A 205 -7.32 -0.80 -19.73
C GLY A 205 -8.19 -1.98 -20.09
N PHE A 206 -9.48 -1.72 -20.26
CA PHE A 206 -10.45 -2.76 -20.60
C PHE A 206 -11.30 -2.29 -21.77
N SER A 207 -11.74 -3.25 -22.57
CA SER A 207 -12.59 -2.94 -23.72
C SER A 207 -13.67 -4.00 -23.85
N ALA A 208 -14.83 -3.59 -24.36
CA ALA A 208 -15.94 -4.51 -24.57
C ALA A 208 -16.72 -4.00 -25.78
N SER A 209 -17.46 -4.88 -26.42
CA SER A 209 -18.22 -4.48 -27.59
C SER A 209 -19.38 -5.41 -27.90
N GLY A 210 -20.22 -4.97 -28.83
CA GLY A 210 -21.37 -5.77 -29.23
C GLY A 210 -21.66 -5.49 -30.69
N SER A 211 -22.65 -6.17 -31.25
CA SER A 211 -23.02 -5.98 -32.65
C SER A 211 -24.48 -5.57 -32.70
N LEU A 212 -25.12 -5.75 -33.85
CA LEU A 212 -26.53 -5.40 -33.96
C LEU A 212 -27.35 -6.41 -33.15
N GLY A 213 -27.05 -7.69 -33.37
CA GLY A 213 -27.77 -8.74 -32.66
C GLY A 213 -27.08 -9.28 -31.42
N GLY A 214 -25.85 -8.85 -31.19
CA GLY A 214 -25.11 -9.32 -30.02
C GLY A 214 -24.85 -8.23 -29.02
N ARG A 215 -25.54 -8.27 -27.89
CA ARG A 215 -25.37 -7.26 -26.85
C ARG A 215 -25.57 -7.87 -25.47
N GLN A 216 -24.90 -7.31 -24.48
CA GLN A 216 -25.02 -7.78 -23.10
C GLN A 216 -24.39 -6.71 -22.22
N ILE A 217 -24.61 -6.82 -20.93
CA ILE A 217 -24.05 -5.85 -20.00
C ILE A 217 -22.60 -6.24 -19.67
N HIS A 218 -21.67 -5.32 -19.91
CA HIS A 218 -20.25 -5.55 -19.61
C HIS A 218 -19.86 -4.59 -18.50
N LEU A 219 -19.54 -5.12 -17.33
CA LEU A 219 -19.18 -4.29 -16.18
C LEU A 219 -17.80 -4.56 -15.59
N ILE A 220 -17.08 -3.49 -15.29
CA ILE A 220 -15.78 -3.59 -14.64
C ILE A 220 -16.09 -3.09 -13.24
N ARG A 221 -15.82 -3.91 -12.23
CA ARG A 221 -16.14 -3.54 -10.85
C ARG A 221 -14.97 -3.02 -10.02
N SER A 222 -13.79 -3.57 -10.22
CA SER A 222 -12.62 -3.12 -9.47
C SER A 222 -11.35 -3.42 -10.27
N TRP A 223 -10.24 -2.82 -9.86
CA TRP A 223 -8.97 -3.01 -10.55
C TRP A 223 -7.79 -2.50 -9.72
N SER A 224 -6.88 -3.39 -9.36
CA SER A 224 -5.68 -3.02 -8.62
C SER A 224 -4.52 -3.38 -9.53
N PHE A 225 -3.44 -2.62 -9.46
CA PHE A 225 -2.29 -2.86 -10.34
C PHE A 225 -0.98 -2.39 -9.72
N THR A 226 0.08 -3.15 -10.00
CA THR A 226 1.40 -2.80 -9.54
C THR A 226 2.42 -3.32 -10.53
N SER A 227 3.19 -2.41 -11.11
CA SER A 227 4.24 -2.80 -12.04
C SER A 227 5.53 -2.23 -11.47
N THR A 228 6.62 -2.97 -11.64
CA THR A 228 7.90 -2.53 -11.16
C THR A 228 8.95 -2.76 -12.23
N LEU A 229 9.67 -1.69 -12.55
CA LEU A 229 10.73 -1.73 -13.55
C LEU A 229 12.07 -1.48 -12.88
N ILE A 230 12.95 -2.47 -12.96
CA ILE A 230 14.28 -2.33 -12.38
C ILE A 230 15.07 -1.29 -13.14
N THR A 231 15.49 -0.23 -12.44
CA THR A 231 16.26 0.84 -13.05
C THR A 231 17.72 0.73 -12.66
N THR A 232 18.59 0.56 -13.65
CA THR A 232 20.02 0.45 -13.41
C THR A 232 20.83 1.05 -14.56
N ALA B 1 -15.13 6.59 -2.76
CA ALA B 1 -14.04 7.58 -2.57
C ALA B 1 -13.05 7.55 -3.73
N GLU B 2 -12.58 8.73 -4.12
CA GLU B 2 -11.62 8.86 -5.21
C GLU B 2 -10.26 9.13 -4.60
N THR B 3 -9.33 8.19 -4.76
CA THR B 3 -8.01 8.35 -4.17
C THR B 3 -6.83 8.29 -5.13
N VAL B 4 -5.88 9.19 -4.89
CA VAL B 4 -4.65 9.25 -5.66
C VAL B 4 -3.56 8.98 -4.63
N SER B 5 -2.78 7.93 -4.86
CA SER B 5 -1.71 7.58 -3.94
C SER B 5 -0.50 7.04 -4.68
N PHE B 6 0.69 7.35 -4.17
CA PHE B 6 1.92 6.88 -4.76
C PHE B 6 3.06 6.96 -3.74
N ASN B 7 4.20 6.37 -4.10
CA ASN B 7 5.35 6.36 -3.20
C ASN B 7 6.64 6.26 -4.00
N PHE B 8 7.42 7.34 -3.97
CA PHE B 8 8.70 7.42 -4.66
C PHE B 8 9.86 7.28 -3.68
N ASN B 9 10.63 6.21 -3.83
CA ASN B 9 11.78 5.97 -2.98
C ASN B 9 13.00 6.53 -3.71
N SER B 10 12.82 6.78 -5.00
CA SER B 10 13.87 7.33 -5.86
C SER B 10 13.19 7.73 -7.17
N PHE B 11 13.91 8.45 -8.02
CA PHE B 11 13.34 8.91 -9.27
C PHE B 11 14.16 8.50 -10.49
N SER B 12 13.56 8.65 -11.67
CA SER B 12 14.20 8.31 -12.93
C SER B 12 13.72 9.27 -14.00
N GLU B 13 14.56 9.53 -14.99
CA GLU B 13 14.23 10.46 -16.07
C GLU B 13 13.08 10.01 -16.97
N GLY B 14 12.95 8.71 -17.20
CA GLY B 14 11.90 8.24 -18.09
C GLY B 14 10.49 8.06 -17.56
N ASN B 15 10.29 8.18 -16.25
CA ASN B 15 8.95 7.98 -15.68
C ASN B 15 7.91 9.02 -16.11
N PRO B 16 6.92 8.59 -16.90
CA PRO B 16 5.88 9.51 -17.37
C PRO B 16 4.91 9.98 -16.28
N ALA B 17 5.08 9.44 -15.07
CA ALA B 17 4.25 9.81 -13.93
C ALA B 17 4.74 11.12 -13.33
N ILE B 18 5.85 11.63 -13.87
CA ILE B 18 6.43 12.87 -13.39
C ILE B 18 6.65 13.88 -14.50
N ASN B 19 6.22 15.11 -14.26
CA ASN B 19 6.38 16.20 -15.21
C ASN B 19 7.60 16.99 -14.79
N PHE B 20 8.61 17.05 -15.66
CA PHE B 20 9.82 17.80 -15.36
C PHE B 20 9.74 19.17 -16.02
N GLN B 21 10.02 20.21 -15.25
CA GLN B 21 9.97 21.57 -15.79
C GLN B 21 11.26 22.32 -15.47
N GLY B 22 11.78 23.03 -16.46
CA GLY B 22 12.98 23.81 -16.25
C GLY B 22 14.28 23.04 -16.14
N ASP B 23 15.15 23.53 -15.27
CA ASP B 23 16.48 22.96 -15.06
C ASP B 23 16.57 21.69 -14.22
N VAL B 24 15.43 21.09 -13.88
CA VAL B 24 15.44 19.86 -13.09
C VAL B 24 16.22 18.77 -13.78
N THR B 25 16.92 17.95 -12.98
CA THR B 25 17.69 16.86 -13.53
C THR B 25 17.64 15.69 -12.53
N VAL B 26 17.88 14.47 -13.01
CA VAL B 26 17.87 13.29 -12.14
C VAL B 26 19.29 12.76 -12.00
N LEU B 27 19.75 12.60 -10.76
CA LEU B 27 21.10 12.10 -10.53
C LEU B 27 21.16 10.58 -10.59
N SER B 28 22.35 10.06 -10.83
CA SER B 28 22.55 8.62 -10.93
C SER B 28 22.07 7.89 -9.67
N ASN B 29 22.00 8.60 -8.55
CA ASN B 29 21.55 7.98 -7.31
C ASN B 29 20.03 7.99 -7.15
N GLY B 30 19.32 8.52 -8.14
CA GLY B 30 17.87 8.56 -8.06
C GLY B 30 17.32 9.86 -7.50
N ASN B 31 18.19 10.70 -6.95
CA ASN B 31 17.78 11.98 -6.40
C ASN B 31 17.44 12.94 -7.53
N ILE B 32 16.49 13.83 -7.27
CA ILE B 32 16.12 14.84 -8.23
C ILE B 32 16.86 16.11 -7.83
N GLN B 33 17.58 16.71 -8.77
CA GLN B 33 18.30 17.97 -8.51
C GLN B 33 17.50 19.04 -9.24
N LEU B 34 16.88 19.94 -8.48
CA LEU B 34 16.02 20.97 -9.06
C LEU B 34 16.65 22.12 -9.85
N THR B 35 17.75 22.68 -9.36
CA THR B 35 18.38 23.80 -10.08
C THR B 35 19.70 23.47 -10.75
N ASN B 36 20.05 24.27 -11.76
CA ASN B 36 21.29 24.13 -12.50
C ASN B 36 22.28 25.10 -11.88
N LEU B 37 23.36 24.56 -11.32
CA LEU B 37 24.38 25.36 -10.67
C LEU B 37 25.10 26.37 -11.57
N ASN B 38 25.05 26.16 -12.88
CA ASN B 38 25.74 27.05 -13.80
C ASN B 38 24.89 28.09 -14.49
N LYS B 39 23.59 28.12 -14.20
CA LYS B 39 22.71 29.07 -14.85
C LYS B 39 22.21 30.17 -13.93
N VAL B 40 22.01 31.36 -14.49
CA VAL B 40 21.52 32.51 -13.74
C VAL B 40 20.00 32.40 -13.60
N ASN B 41 19.50 32.73 -12.41
CA ASN B 41 18.05 32.67 -12.18
C ASN B 41 17.48 31.29 -12.51
N SER B 42 18.25 30.26 -12.19
CA SER B 42 17.82 28.90 -12.47
C SER B 42 16.53 28.54 -11.74
N VAL B 43 15.67 27.79 -12.43
CA VAL B 43 14.41 27.32 -11.88
C VAL B 43 14.12 25.93 -12.42
N GLY B 44 13.80 25.02 -11.51
CA GLY B 44 13.47 23.66 -11.89
C GLY B 44 12.28 23.23 -11.04
N ARG B 45 11.35 22.52 -11.64
CA ARG B 45 10.19 22.07 -10.91
C ARG B 45 9.85 20.64 -11.33
N VAL B 46 9.25 19.90 -10.42
CA VAL B 46 8.85 18.53 -10.69
C VAL B 46 7.42 18.41 -10.19
N LEU B 47 6.54 17.87 -11.01
CA LEU B 47 5.14 17.72 -10.62
C LEU B 47 4.67 16.29 -10.84
N TYR B 48 3.75 15.83 -9.99
CA TYR B 48 3.22 14.49 -10.20
C TYR B 48 2.34 14.72 -11.43
N ALA B 49 2.55 13.91 -12.47
CA ALA B 49 1.81 14.04 -13.73
C ALA B 49 0.31 13.83 -13.66
N MET B 50 -0.17 13.14 -12.63
CA MET B 50 -1.59 12.89 -12.50
C MET B 50 -2.31 14.04 -11.79
N PRO B 51 -3.31 14.64 -12.45
CA PRO B 51 -4.06 15.74 -11.84
C PRO B 51 -4.82 15.18 -10.66
N VAL B 52 -4.94 15.95 -9.60
CA VAL B 52 -5.65 15.51 -8.41
C VAL B 52 -6.88 16.40 -8.19
N ARG B 53 -8.02 15.78 -7.98
CA ARG B 53 -9.24 16.54 -7.71
C ARG B 53 -9.27 16.79 -6.21
N ILE B 54 -8.88 17.99 -5.80
CA ILE B 54 -8.86 18.33 -4.38
C ILE B 54 -10.23 18.74 -3.87
N TRP B 55 -11.14 19.04 -4.79
CA TRP B 55 -12.51 19.39 -4.44
C TRP B 55 -13.44 19.20 -5.63
N SER B 56 -14.71 18.96 -5.34
CA SER B 56 -15.72 18.73 -6.36
C SER B 56 -16.77 19.84 -6.46
N SER B 57 -17.01 20.29 -7.68
CA SER B 57 -17.98 21.33 -7.94
C SER B 57 -19.42 20.82 -7.75
N ALA B 58 -19.63 19.54 -8.02
CA ALA B 58 -20.95 18.94 -7.89
C ALA B 58 -21.41 18.70 -6.45
N THR B 59 -20.49 18.22 -5.61
CA THR B 59 -20.80 17.92 -4.22
C THR B 59 -20.34 18.98 -3.24
N GLY B 60 -19.30 19.73 -3.62
CA GLY B 60 -18.78 20.74 -2.72
C GLY B 60 -17.76 20.16 -1.76
N ASN B 61 -17.57 18.84 -1.85
CA ASN B 61 -16.62 18.13 -1.00
C ASN B 61 -15.18 18.54 -1.29
N VAL B 62 -14.35 18.48 -0.25
CA VAL B 62 -12.94 18.82 -0.37
C VAL B 62 -12.14 17.63 0.15
N ALA B 63 -11.06 17.29 -0.55
CA ALA B 63 -10.23 16.17 -0.16
C ALA B 63 -9.31 16.49 1.01
N SER B 64 -8.81 15.44 1.63
CA SER B 64 -7.85 15.56 2.72
C SER B 64 -6.66 14.82 2.15
N PHE B 65 -5.46 15.14 2.60
CA PHE B 65 -4.30 14.43 2.09
C PHE B 65 -3.18 14.31 3.10
N LEU B 66 -2.35 13.28 2.90
CA LEU B 66 -1.20 13.02 3.73
C LEU B 66 -0.05 12.82 2.76
N THR B 67 1.07 13.47 3.02
CA THR B 67 2.22 13.34 2.16
C THR B 67 3.49 13.55 2.96
N SER B 68 4.53 12.80 2.61
CA SER B 68 5.81 12.91 3.26
C SER B 68 6.88 12.96 2.17
N PHE B 69 7.96 13.67 2.45
CA PHE B 69 9.03 13.76 1.49
C PHE B 69 10.29 14.13 2.23
N SER B 70 11.43 13.91 1.59
CA SER B 70 12.70 14.25 2.19
C SER B 70 13.50 14.98 1.13
N PHE B 71 14.26 15.98 1.57
CA PHE B 71 15.05 16.78 0.66
C PHE B 71 16.40 17.11 1.28
N GLU B 72 17.27 17.69 0.47
CA GLU B 72 18.58 18.09 0.92
C GLU B 72 19.07 19.33 0.18
N MET B 73 19.62 20.27 0.93
CA MET B 73 20.18 21.47 0.34
C MET B 73 21.64 21.50 0.78
N LYS B 74 22.55 21.67 -0.18
CA LYS B 74 23.96 21.71 0.14
C LYS B 74 24.67 22.92 -0.49
N ASP B 75 25.49 23.58 0.32
CA ASP B 75 26.22 24.75 -0.14
C ASP B 75 27.23 24.37 -1.22
N ILE B 76 27.73 25.39 -1.90
CA ILE B 76 28.72 25.25 -2.95
C ILE B 76 29.45 26.59 -2.97
N LYS B 77 30.69 26.60 -3.42
CA LYS B 77 31.44 27.86 -3.52
C LYS B 77 31.04 28.42 -4.88
N ASP B 78 31.05 29.73 -5.08
CA ASP B 78 31.38 30.73 -4.08
C ASP B 78 30.09 31.53 -3.96
N TYR B 79 28.98 30.86 -4.26
CA TYR B 79 27.67 31.46 -4.23
C TYR B 79 27.00 31.37 -2.86
N ASP B 80 26.09 32.31 -2.60
CA ASP B 80 25.33 32.33 -1.36
C ASP B 80 24.36 31.15 -1.45
N PRO B 81 24.21 30.40 -0.35
CA PRO B 81 23.29 29.26 -0.37
C PRO B 81 21.85 29.73 -0.47
N ALA B 82 21.31 29.77 -1.68
CA ALA B 82 19.95 30.23 -1.92
C ALA B 82 19.39 29.51 -3.15
N ASP B 83 18.08 29.57 -3.37
CA ASP B 83 17.13 30.29 -2.54
C ASP B 83 16.21 29.44 -1.66
N GLY B 84 16.13 28.15 -1.95
CA GLY B 84 15.29 27.28 -1.16
C GLY B 84 14.36 26.41 -1.99
N ILE B 85 13.52 25.64 -1.31
CA ILE B 85 12.60 24.74 -1.97
C ILE B 85 11.18 24.97 -1.49
N ILE B 86 10.21 24.73 -2.37
CA ILE B 86 8.82 24.89 -2.00
C ILE B 86 7.98 23.73 -2.52
N PHE B 87 7.21 23.12 -1.62
CA PHE B 87 6.30 22.03 -1.96
C PHE B 87 5.01 22.77 -2.28
N PHE B 88 4.54 22.66 -3.51
CA PHE B 88 3.34 23.40 -3.88
C PHE B 88 2.22 22.67 -4.59
N ILE B 89 1.10 23.38 -4.64
CA ILE B 89 -0.13 22.91 -5.27
C ILE B 89 -0.58 24.03 -6.19
N ALA B 90 -0.86 23.70 -7.45
CA ALA B 90 -1.27 24.71 -8.41
C ALA B 90 -2.18 24.13 -9.47
N PRO B 91 -2.83 24.98 -10.28
CA PRO B 91 -3.74 24.48 -11.33
C PRO B 91 -2.96 23.49 -12.20
N GLU B 92 -3.64 22.52 -12.80
CA GLU B 92 -2.95 21.53 -13.61
C GLU B 92 -2.23 22.06 -14.86
N ASP B 93 -2.53 23.30 -15.27
CA ASP B 93 -1.87 23.87 -16.45
C ASP B 93 -0.61 24.65 -16.02
N THR B 94 -0.26 24.54 -14.73
CA THR B 94 0.88 25.27 -14.19
C THR B 94 2.23 25.06 -14.87
N GLN B 95 2.94 26.16 -15.08
CA GLN B 95 4.26 26.17 -15.71
C GLN B 95 5.09 27.20 -14.96
N ILE B 96 6.39 27.16 -15.14
CA ILE B 96 7.27 28.13 -14.50
C ILE B 96 6.84 29.49 -15.04
N PRO B 97 6.62 30.47 -14.15
CA PRO B 97 6.20 31.81 -14.60
C PRO B 97 7.08 32.32 -15.73
N ALA B 98 6.44 32.74 -16.82
CA ALA B 98 7.17 33.26 -17.97
C ALA B 98 8.07 34.39 -17.49
N GLY B 99 9.30 34.42 -18.00
CA GLY B 99 10.24 35.46 -17.59
C GLY B 99 10.62 35.41 -16.12
N SER B 100 10.55 34.22 -15.53
CA SER B 100 10.87 34.05 -14.11
C SER B 100 12.28 34.52 -13.78
N ILE B 101 12.42 35.26 -12.67
CA ILE B 101 13.73 35.72 -12.26
C ILE B 101 14.26 34.76 -11.20
N GLY B 102 13.53 33.67 -10.98
CA GLY B 102 13.94 32.70 -9.97
C GLY B 102 14.18 33.39 -8.65
N GLY B 103 15.36 33.18 -8.06
CA GLY B 103 15.69 33.79 -6.80
C GLY B 103 14.64 33.57 -5.72
N GLY B 104 14.22 34.65 -5.09
CA GLY B 104 13.23 34.57 -4.03
C GLY B 104 11.82 34.21 -4.43
N THR B 105 11.55 34.11 -5.73
CA THR B 105 10.22 33.75 -6.20
C THR B 105 9.99 32.24 -6.01
N LEU B 106 11.10 31.52 -5.83
CA LEU B 106 11.07 30.08 -5.63
C LEU B 106 10.52 29.34 -6.84
N GLY B 107 10.46 30.03 -7.97
CA GLY B 107 9.97 29.45 -9.20
C GLY B 107 8.46 29.34 -9.35
N VAL B 108 7.70 29.90 -8.40
CA VAL B 108 6.24 29.81 -8.47
C VAL B 108 5.52 31.14 -8.54
N SER B 109 6.26 32.24 -8.48
CA SER B 109 5.64 33.54 -8.51
C SER B 109 6.32 34.50 -9.47
N ASP B 110 5.76 35.69 -9.59
CA ASP B 110 6.33 36.72 -10.47
C ASP B 110 7.30 37.57 -9.67
N THR B 111 7.84 38.60 -10.31
CA THR B 111 8.77 39.50 -9.66
C THR B 111 8.22 40.04 -8.34
N LYS B 112 6.93 40.36 -8.30
CA LYS B 112 6.30 40.88 -7.10
C LYS B 112 6.05 39.79 -6.06
N GLY B 113 6.31 38.54 -6.43
CA GLY B 113 6.10 37.45 -5.51
C GLY B 113 4.68 36.91 -5.49
N ALA B 114 3.87 37.33 -6.46
CA ALA B 114 2.50 36.88 -6.55
C ALA B 114 2.39 35.70 -7.51
N GLY B 115 1.38 34.85 -7.28
CA GLY B 115 1.17 33.70 -8.14
C GLY B 115 -0.12 32.98 -7.79
N HIS B 116 -0.44 31.93 -8.56
CA HIS B 116 -1.64 31.15 -8.30
C HIS B 116 -1.19 29.79 -7.80
N PHE B 117 -1.07 29.66 -6.48
CA PHE B 117 -0.61 28.41 -5.89
C PHE B 117 -0.74 28.46 -4.38
N VAL B 118 -0.56 27.29 -3.77
CA VAL B 118 -0.57 27.15 -2.32
C VAL B 118 0.66 26.30 -2.08
N GLY B 119 1.44 26.62 -1.05
CA GLY B 119 2.62 25.82 -0.80
C GLY B 119 3.30 26.01 0.53
N VAL B 120 4.26 25.13 0.78
CA VAL B 120 5.06 25.14 2.00
C VAL B 120 6.50 25.38 1.55
N GLU B 121 7.07 26.49 1.96
CA GLU B 121 8.43 26.81 1.56
C GLU B 121 9.47 26.56 2.64
N PHE B 122 10.66 26.21 2.18
CA PHE B 122 11.81 25.96 3.03
C PHE B 122 12.77 26.97 2.44
N ASP B 123 12.69 28.16 3.00
CA ASP B 123 13.42 29.33 2.57
C ASP B 123 14.79 29.56 3.22
N THR B 124 15.85 29.62 2.42
CA THR B 124 17.19 29.81 2.96
C THR B 124 17.85 31.16 2.67
N TYR B 125 17.06 32.17 2.33
CA TYR B 125 17.61 33.50 2.07
C TYR B 125 16.59 34.55 2.40
N SER B 126 17.00 35.65 3.01
CA SER B 126 16.03 36.68 3.40
C SER B 126 15.77 37.76 2.34
N ASN B 127 14.64 37.64 1.63
CA ASN B 127 14.27 38.63 0.62
C ASN B 127 13.38 39.69 1.25
N SER B 128 13.93 40.89 1.46
CA SER B 128 13.16 41.98 2.04
C SER B 128 11.98 42.36 1.16
N GLU B 129 12.13 42.20 -0.17
CA GLU B 129 11.04 42.55 -1.08
C GLU B 129 9.81 41.67 -0.89
N TYR B 130 9.95 40.57 -0.17
CA TYR B 130 8.80 39.69 0.08
C TYR B 130 8.54 39.54 1.58
N ASN B 131 9.05 40.50 2.34
CA ASN B 131 8.87 40.54 3.79
C ASN B 131 9.29 39.26 4.53
N ASP B 132 10.35 38.61 4.06
CA ASP B 132 10.84 37.40 4.71
C ASP B 132 11.33 37.68 6.11
N PRO B 133 11.21 36.68 7.01
CA PRO B 133 11.71 36.94 8.36
C PRO B 133 13.24 37.04 8.19
N PRO B 134 13.96 37.47 9.23
CA PRO B 134 15.42 37.57 9.10
C PRO B 134 16.26 36.29 8.96
N THR B 135 15.73 35.14 9.38
CA THR B 135 16.50 33.91 9.29
C THR B 135 15.83 32.84 8.42
N ASP B 136 16.49 31.71 8.25
CA ASP B 136 15.93 30.62 7.47
C ASP B 136 14.58 30.30 8.12
N HIS B 137 13.63 29.85 7.32
CA HIS B 137 12.30 29.59 7.87
C HIS B 137 11.46 28.71 6.97
N VAL B 138 10.38 28.18 7.55
CA VAL B 138 9.43 27.38 6.82
C VAL B 138 8.22 28.28 6.76
N GLY B 139 7.56 28.35 5.60
CA GLY B 139 6.41 29.21 5.49
C GLY B 139 5.23 28.62 4.75
N ILE B 140 4.04 29.08 5.10
CA ILE B 140 2.83 28.63 4.44
C ILE B 140 2.51 29.74 3.46
N ASP B 141 2.50 29.42 2.17
CA ASP B 141 2.25 30.41 1.12
C ASP B 141 0.91 30.25 0.40
N VAL B 142 0.19 31.35 0.25
CA VAL B 142 -1.08 31.33 -0.47
C VAL B 142 -1.04 32.42 -1.54
N ASN B 143 -0.80 32.00 -2.79
CA ASN B 143 -0.75 32.90 -3.92
C ASN B 143 0.35 33.97 -3.81
N SER B 144 1.31 33.75 -2.93
CA SER B 144 2.40 34.71 -2.76
C SER B 144 3.55 34.11 -1.94
N VAL B 145 4.78 34.55 -2.22
CA VAL B 145 5.91 34.05 -1.45
C VAL B 145 6.08 34.94 -0.24
N ASP B 146 5.17 35.90 -0.09
CA ASP B 146 5.14 36.77 1.08
C ASP B 146 4.23 35.91 1.95
N SER B 147 4.83 34.92 2.60
CA SER B 147 4.11 33.96 3.43
C SER B 147 3.00 34.49 4.32
N VAL B 148 1.93 33.72 4.42
CA VAL B 148 0.80 34.09 5.27
C VAL B 148 1.27 33.87 6.70
N LYS B 149 2.27 33.00 6.85
CA LYS B 149 2.80 32.69 8.17
C LYS B 149 4.13 31.97 8.01
N THR B 150 5.04 32.17 8.98
CA THR B 150 6.34 31.50 8.93
C THR B 150 6.75 31.12 10.34
N VAL B 151 7.76 30.26 10.42
CA VAL B 151 8.30 29.82 11.70
C VAL B 151 9.81 29.71 11.53
N PRO B 152 10.58 30.14 12.53
CA PRO B 152 12.04 30.05 12.41
C PRO B 152 12.47 28.60 12.23
N TRP B 153 13.44 28.40 11.35
CA TRP B 153 13.95 27.07 11.05
C TRP B 153 15.40 27.26 10.64
N ASN B 154 16.10 26.17 10.38
CA ASN B 154 17.51 26.27 9.99
C ASN B 154 17.87 25.22 8.97
N SER B 155 18.36 25.66 7.82
CA SER B 155 18.76 24.74 6.78
C SER B 155 20.23 24.40 6.96
N VAL B 156 20.49 23.14 7.28
CA VAL B 156 21.85 22.66 7.47
C VAL B 156 22.38 22.05 6.17
N SER B 157 23.43 22.64 5.63
CA SER B 157 24.03 22.16 4.39
C SER B 157 24.38 20.68 4.45
N GLY B 158 23.88 19.92 3.48
CA GLY B 158 24.15 18.50 3.42
C GLY B 158 23.27 17.61 4.28
N ALA B 159 22.42 18.21 5.10
CA ALA B 159 21.55 17.42 5.97
C ALA B 159 20.29 16.95 5.25
N VAL B 160 19.84 15.74 5.60
CA VAL B 160 18.62 15.21 5.01
C VAL B 160 17.47 15.65 5.90
N VAL B 161 16.45 16.28 5.32
CA VAL B 161 15.31 16.74 6.08
C VAL B 161 14.06 15.93 5.75
N LYS B 162 13.35 15.51 6.77
CA LYS B 162 12.13 14.74 6.59
C LYS B 162 10.94 15.65 6.87
N VAL B 163 9.96 15.65 5.97
CA VAL B 163 8.78 16.50 6.14
C VAL B 163 7.49 15.70 6.04
N THR B 164 6.53 16.01 6.91
CA THR B 164 5.24 15.35 6.88
C THR B 164 4.17 16.44 6.84
N VAL B 165 3.24 16.32 5.90
CA VAL B 165 2.17 17.30 5.73
C VAL B 165 0.79 16.66 5.75
N ILE B 166 -0.11 17.24 6.54
CA ILE B 166 -1.47 16.75 6.63
C ILE B 166 -2.44 17.87 6.33
N TYR B 167 -3.36 17.62 5.40
CA TYR B 167 -4.38 18.60 5.10
C TYR B 167 -5.71 17.97 5.47
N ASP B 168 -6.40 18.60 6.40
CA ASP B 168 -7.71 18.14 6.86
C ASP B 168 -8.76 19.00 6.19
N SER B 169 -9.55 18.41 5.29
CA SER B 169 -10.55 19.19 4.57
C SER B 169 -11.61 19.82 5.47
N SER B 170 -12.06 19.10 6.48
CA SER B 170 -13.09 19.62 7.38
C SER B 170 -12.69 20.94 8.03
N THR B 171 -11.52 20.99 8.66
CA THR B 171 -11.06 22.23 9.30
C THR B 171 -10.28 23.10 8.32
N LYS B 172 -9.99 22.57 7.13
CA LYS B 172 -9.22 23.30 6.13
C LYS B 172 -7.83 23.62 6.67
N THR B 173 -7.36 22.80 7.59
CA THR B 173 -6.05 23.02 8.21
C THR B 173 -4.91 22.30 7.48
N LEU B 174 -3.87 23.07 7.17
CA LEU B 174 -2.68 22.54 6.53
C LEU B 174 -1.62 22.46 7.63
N SER B 175 -1.24 21.24 8.03
CA SER B 175 -0.23 21.07 9.07
C SER B 175 1.06 20.48 8.52
N VAL B 176 2.17 21.04 8.96
CA VAL B 176 3.50 20.61 8.50
C VAL B 176 4.41 20.26 9.67
N ALA B 177 5.04 19.10 9.60
CA ALA B 177 5.98 18.66 10.63
C ALA B 177 7.33 18.48 9.97
N VAL B 178 8.31 19.27 10.37
CA VAL B 178 9.64 19.21 9.78
C VAL B 178 10.66 18.64 10.76
N THR B 179 11.25 17.50 10.41
CA THR B 179 12.22 16.84 11.27
C THR B 179 13.64 17.14 10.84
N ASN B 180 14.31 17.94 11.67
CA ASN B 180 15.67 18.39 11.45
C ASN B 180 16.75 17.34 11.64
N ASP B 181 17.98 17.75 11.38
CA ASP B 181 19.16 16.90 11.48
C ASP B 181 19.45 16.58 12.94
N ASN B 182 19.43 17.61 13.77
CA ASN B 182 19.70 17.46 15.21
C ASN B 182 18.66 16.63 15.96
N GLY B 183 17.58 16.26 15.29
CA GLY B 183 16.55 15.47 15.93
C GLY B 183 15.32 16.25 16.36
N ASP B 184 15.42 17.57 16.42
CA ASP B 184 14.28 18.39 16.81
C ASP B 184 13.23 18.45 15.70
N ILE B 185 11.99 18.68 16.09
CA ILE B 185 10.93 18.83 15.10
C ILE B 185 10.48 20.27 15.11
N THR B 186 10.04 20.74 13.96
CA THR B 186 9.56 22.09 13.79
C THR B 186 8.21 21.96 13.10
N THR B 187 7.21 22.67 13.59
CA THR B 187 5.89 22.60 12.99
C THR B 187 5.30 23.97 12.71
N ILE B 188 4.36 23.99 11.78
CA ILE B 188 3.64 25.20 11.42
C ILE B 188 2.34 24.72 10.80
N ALA B 189 1.23 25.36 11.17
CA ALA B 189 -0.07 24.97 10.65
C ALA B 189 -0.84 26.23 10.31
N GLN B 190 -1.70 26.14 9.31
CA GLN B 190 -2.48 27.29 8.89
C GLN B 190 -3.75 26.87 8.20
N VAL B 191 -4.84 27.57 8.50
CA VAL B 191 -6.12 27.28 7.87
C VAL B 191 -6.02 27.85 6.46
N VAL B 192 -6.17 26.97 5.47
CA VAL B 192 -6.12 27.38 4.07
C VAL B 192 -7.25 26.69 3.33
N ASP B 193 -8.17 27.48 2.80
CA ASP B 193 -9.31 26.96 2.06
C ASP B 193 -8.93 26.69 0.62
N LEU B 194 -8.43 25.47 0.36
CA LEU B 194 -8.02 25.10 -1.00
C LEU B 194 -9.15 25.29 -2.01
N LYS B 195 -10.37 24.98 -1.59
CA LYS B 195 -11.54 25.10 -2.47
C LYS B 195 -11.78 26.55 -2.91
N ALA B 196 -11.37 27.49 -2.08
CA ALA B 196 -11.55 28.90 -2.42
C ALA B 196 -10.37 29.51 -3.18
N LYS B 197 -9.19 28.89 -3.05
CA LYS B 197 -7.99 29.41 -3.70
C LYS B 197 -7.53 28.68 -4.96
N LEU B 198 -7.96 27.42 -5.13
CA LEU B 198 -7.55 26.63 -6.27
C LEU B 198 -8.69 25.97 -7.03
N PRO B 199 -8.46 25.58 -8.28
CA PRO B 199 -9.50 24.92 -9.08
C PRO B 199 -9.70 23.49 -8.57
N GLU B 200 -10.71 22.82 -9.12
CA GLU B 200 -11.02 21.45 -8.72
C GLU B 200 -9.86 20.49 -8.98
N ARG B 201 -9.21 20.64 -10.12
CA ARG B 201 -8.08 19.80 -10.49
C ARG B 201 -6.77 20.56 -10.38
N VAL B 202 -5.80 19.95 -9.73
CA VAL B 202 -4.49 20.57 -9.53
C VAL B 202 -3.36 19.57 -9.65
N LYS B 203 -2.14 20.06 -9.48
CA LYS B 203 -0.96 19.22 -9.51
C LYS B 203 -0.10 19.56 -8.30
N PHE B 204 0.55 18.54 -7.75
CA PHE B 204 1.41 18.71 -6.61
C PHE B 204 2.85 18.55 -7.08
N GLY B 205 3.78 19.23 -6.41
CA GLY B 205 5.16 19.12 -6.80
C GLY B 205 6.13 19.96 -5.98
N PHE B 206 7.35 20.06 -6.47
CA PHE B 206 8.40 20.81 -5.79
C PHE B 206 9.09 21.72 -6.79
N SER B 207 9.49 22.88 -6.30
CA SER B 207 10.19 23.85 -7.12
C SER B 207 11.34 24.45 -6.31
N ALA B 208 12.39 24.85 -7.01
CA ALA B 208 13.54 25.46 -6.36
C ALA B 208 14.09 26.48 -7.35
N SER B 209 14.83 27.45 -6.83
CA SER B 209 15.39 28.47 -7.70
C SER B 209 16.66 29.08 -7.14
N GLY B 210 17.34 29.83 -7.99
CA GLY B 210 18.57 30.51 -7.60
C GLY B 210 18.61 31.81 -8.37
N SER B 211 19.59 32.65 -8.07
CA SER B 211 19.74 33.93 -8.76
C SER B 211 21.13 33.94 -9.37
N LEU B 212 21.67 35.12 -9.65
CA LEU B 212 23.00 35.20 -10.22
C LEU B 212 24.03 34.81 -9.16
N GLY B 213 23.92 35.42 -7.99
CA GLY B 213 24.85 35.14 -6.90
C GLY B 213 24.38 34.15 -5.86
N GLY B 214 23.11 33.75 -5.94
CA GLY B 214 22.59 32.79 -4.97
C GLY B 214 22.33 31.44 -5.65
N ARG B 215 23.08 30.43 -5.24
CA ARG B 215 22.93 29.11 -5.82
C ARG B 215 23.35 28.02 -4.85
N GLN B 216 22.61 26.92 -4.84
CA GLN B 216 22.91 25.80 -3.96
C GLN B 216 22.32 24.55 -4.58
N ILE B 217 22.70 23.40 -4.05
CA ILE B 217 22.17 22.14 -4.53
C ILE B 217 20.82 21.94 -3.84
N HIS B 218 19.77 21.73 -4.63
CA HIS B 218 18.42 21.51 -4.11
C HIS B 218 18.02 20.11 -4.53
N LEU B 219 17.93 19.18 -3.57
CA LEU B 219 17.59 17.81 -3.90
C LEU B 219 16.30 17.29 -3.30
N ILE B 220 15.52 16.56 -4.10
CA ILE B 220 14.31 15.94 -3.62
C ILE B 220 14.70 14.45 -3.66
N ARG B 221 14.69 13.82 -2.50
CA ARG B 221 15.08 12.42 -2.39
C ARG B 221 13.98 11.37 -2.41
N SER B 222 12.83 11.68 -1.81
CA SER B 222 11.72 10.73 -1.78
C SER B 222 10.41 11.47 -1.64
N TRP B 223 9.32 10.77 -1.93
CA TRP B 223 8.00 11.39 -1.84
C TRP B 223 6.86 10.37 -1.88
N SER B 224 6.09 10.32 -0.78
CA SER B 224 4.95 9.42 -0.69
C SER B 224 3.74 10.36 -0.60
N PHE B 225 2.57 9.91 -1.04
CA PHE B 225 1.41 10.79 -1.04
C PHE B 225 0.08 10.04 -1.17
N THR B 226 -0.92 10.53 -0.46
CA THR B 226 -2.26 9.94 -0.53
C THR B 226 -3.29 11.02 -0.26
N SER B 227 -4.17 11.26 -1.23
CA SER B 227 -5.23 12.23 -1.06
C SER B 227 -6.52 11.49 -1.38
N THR B 228 -7.57 11.77 -0.62
CA THR B 228 -8.84 11.11 -0.82
C THR B 228 -10.00 12.09 -0.84
N LEU B 229 -10.82 11.98 -1.88
CA LEU B 229 -11.99 12.84 -2.04
C LEU B 229 -13.24 11.98 -1.92
N ILE B 230 -14.12 12.34 -0.99
CA ILE B 230 -15.36 11.60 -0.81
C ILE B 230 -16.28 11.96 -1.98
N THR B 231 -16.70 10.94 -2.74
CA THR B 231 -17.54 11.14 -3.92
C THR B 231 -18.96 10.58 -3.83
N THR B 232 -19.45 10.12 -4.99
CA THR B 232 -20.79 9.56 -5.11
C THR B 232 -21.86 10.37 -4.42
N ALA C 1 16.88 23.71 22.48
CA ALA C 1 15.49 23.36 22.88
C ALA C 1 15.44 21.98 23.55
N GLU C 2 14.30 21.68 24.18
CA GLU C 2 14.12 20.41 24.87
C GLU C 2 13.32 19.44 23.99
N THR C 3 13.98 18.37 23.56
CA THR C 3 13.37 17.37 22.68
C THR C 3 13.36 15.94 23.24
N VAL C 4 12.23 15.26 23.04
CA VAL C 4 12.10 13.87 23.45
C VAL C 4 11.84 13.10 22.16
N SER C 5 12.63 12.05 21.92
CA SER C 5 12.47 11.28 20.70
C SER C 5 12.71 9.79 20.89
N PHE C 6 11.82 8.96 20.38
CA PHE C 6 11.99 7.52 20.49
C PHE C 6 11.31 6.77 19.35
N ASN C 7 11.63 5.48 19.24
CA ASN C 7 11.04 4.63 18.21
C ASN C 7 11.05 3.17 18.61
N PHE C 8 9.89 2.54 18.48
CA PHE C 8 9.74 1.13 18.81
C PHE C 8 9.35 0.37 17.55
N ASN C 9 10.21 -0.51 17.08
CA ASN C 9 9.91 -1.32 15.91
C ASN C 9 9.19 -2.54 16.42
N SER C 10 9.47 -2.87 17.68
CA SER C 10 8.86 -4.01 18.37
C SER C 10 8.90 -3.73 19.86
N PHE C 11 8.03 -4.40 20.61
CA PHE C 11 7.97 -4.21 22.05
C PHE C 11 8.33 -5.48 22.81
N SER C 12 8.74 -5.31 24.06
CA SER C 12 9.08 -6.45 24.89
C SER C 12 8.85 -6.08 26.34
N GLU C 13 8.15 -6.94 27.07
CA GLU C 13 7.93 -6.68 28.49
C GLU C 13 9.29 -6.88 29.11
N GLY C 14 9.55 -6.22 30.23
CA GLY C 14 10.85 -6.37 30.84
C GLY C 14 11.75 -5.27 30.31
N ASN C 15 11.15 -4.39 29.51
CA ASN C 15 11.87 -3.24 28.96
C ASN C 15 11.31 -2.06 29.74
N PRO C 16 12.13 -1.43 30.58
CA PRO C 16 11.78 -0.28 31.42
C PRO C 16 11.22 0.95 30.70
N ALA C 17 11.40 1.03 29.40
CA ALA C 17 10.93 2.18 28.65
C ALA C 17 9.40 2.23 28.54
N ILE C 18 8.73 1.19 29.02
CA ILE C 18 7.29 1.16 28.93
C ILE C 18 6.55 0.60 30.15
N ASN C 19 5.46 1.26 30.52
CA ASN C 19 4.62 0.86 31.64
C ASN C 19 3.46 0.01 31.12
N PHE C 20 3.21 -1.12 31.78
CA PHE C 20 2.13 -2.00 31.38
C PHE C 20 1.04 -1.98 32.45
N GLN C 21 -0.21 -1.76 32.04
CA GLN C 21 -1.31 -1.71 32.99
C GLN C 21 -2.47 -2.58 32.55
N GLY C 22 -3.13 -3.21 33.52
CA GLY C 22 -4.27 -4.05 33.20
C GLY C 22 -3.91 -5.38 32.56
N ASP C 23 -4.72 -5.80 31.59
CA ASP C 23 -4.52 -7.07 30.93
C ASP C 23 -3.54 -7.09 29.75
N VAL C 24 -2.84 -5.99 29.51
CA VAL C 24 -1.88 -5.94 28.40
C VAL C 24 -0.86 -7.04 28.49
N THR C 25 -0.40 -7.48 27.33
CA THR C 25 0.62 -8.53 27.21
C THR C 25 1.41 -8.27 25.94
N VAL C 26 2.61 -8.83 25.86
CA VAL C 26 3.44 -8.69 24.66
C VAL C 26 3.61 -10.07 24.03
N LEU C 27 3.15 -10.21 22.80
CA LEU C 27 3.24 -11.49 22.11
C LEU C 27 4.66 -11.80 21.66
N SER C 28 4.96 -13.07 21.47
CA SER C 28 6.30 -13.49 21.05
C SER C 28 6.75 -12.79 19.77
N ASN C 29 5.79 -12.21 19.03
CA ASN C 29 6.12 -11.51 17.79
C ASN C 29 6.41 -10.02 18.04
N GLY C 30 6.52 -9.66 19.31
CA GLY C 30 6.81 -8.27 19.66
C GLY C 30 5.62 -7.32 19.69
N ASN C 31 4.45 -7.81 19.32
CA ASN C 31 3.26 -6.97 19.31
C ASN C 31 2.65 -6.83 20.69
N ILE C 32 2.10 -5.66 20.98
CA ILE C 32 1.44 -5.43 22.24
C ILE C 32 -0.03 -5.79 22.01
N GLN C 33 -0.57 -6.64 22.87
CA GLN C 33 -1.97 -7.00 22.78
C GLN C 33 -2.57 -6.39 24.03
N LEU C 34 -3.38 -5.35 23.85
CA LEU C 34 -3.98 -4.62 24.97
C LEU C 34 -5.04 -5.36 25.79
N THR C 35 -5.98 -6.03 25.14
CA THR C 35 -7.01 -6.72 25.90
C THR C 35 -6.85 -8.24 25.95
N ASN C 36 -7.43 -8.85 26.99
CA ASN C 36 -7.38 -10.29 27.13
C ASN C 36 -8.70 -10.81 26.61
N LEU C 37 -8.61 -11.64 25.56
CA LEU C 37 -9.78 -12.22 24.91
C LEU C 37 -10.64 -13.11 25.82
N ASN C 38 -10.06 -13.58 26.91
CA ASN C 38 -10.77 -14.47 27.82
C ASN C 38 -11.28 -13.80 29.10
N LYS C 39 -11.33 -12.47 29.11
CA LYS C 39 -11.80 -11.74 30.29
C LYS C 39 -12.99 -10.83 29.98
N VAL C 40 -13.86 -10.66 30.97
CA VAL C 40 -15.01 -9.79 30.84
C VAL C 40 -14.50 -8.39 31.15
N ASN C 41 -15.08 -7.38 30.49
CA ASN C 41 -14.68 -6.00 30.70
C ASN C 41 -13.15 -5.88 30.79
N SER C 42 -12.46 -6.50 29.85
CA SER C 42 -11.00 -6.46 29.85
C SER C 42 -10.50 -5.05 29.57
N VAL C 43 -9.36 -4.70 30.17
CA VAL C 43 -8.77 -3.39 29.97
C VAL C 43 -7.26 -3.48 30.02
N GLY C 44 -6.62 -2.96 28.99
CA GLY C 44 -5.17 -2.98 28.91
C GLY C 44 -4.69 -1.65 28.37
N ARG C 45 -3.60 -1.15 28.95
CA ARG C 45 -3.04 0.13 28.52
C ARG C 45 -1.52 0.06 28.55
N VAL C 46 -0.89 0.90 27.75
CA VAL C 46 0.56 0.93 27.70
C VAL C 46 0.98 2.40 27.77
N LEU C 47 2.09 2.70 28.43
CA LEU C 47 2.55 4.08 28.54
C LEU C 47 4.06 4.18 28.43
N TYR C 48 4.53 5.23 27.76
CA TYR C 48 5.96 5.44 27.66
C TYR C 48 6.33 5.78 29.10
N ALA C 49 7.18 4.95 29.72
CA ALA C 49 7.57 5.13 31.11
C ALA C 49 8.05 6.54 31.48
N MET C 50 8.80 7.18 30.58
CA MET C 50 9.32 8.52 30.85
C MET C 50 8.28 9.61 30.62
N PRO C 51 8.01 10.43 31.66
CA PRO C 51 7.02 11.49 31.47
C PRO C 51 7.60 12.54 30.54
N VAL C 52 6.78 13.06 29.65
CA VAL C 52 7.21 14.09 28.70
C VAL C 52 6.70 15.45 29.14
N ARG C 53 7.58 16.44 29.14
CA ARG C 53 7.24 17.79 29.53
C ARG C 53 6.65 18.50 28.30
N ILE C 54 5.33 18.63 28.25
CA ILE C 54 4.68 19.27 27.11
C ILE C 54 4.50 20.77 27.18
N TRP C 55 4.61 21.36 28.37
CA TRP C 55 4.52 22.83 28.51
C TRP C 55 5.20 23.31 29.78
N SER C 56 5.49 24.61 29.81
CA SER C 56 6.21 25.21 30.93
C SER C 56 5.49 26.29 31.71
N SER C 57 5.47 26.15 33.04
CA SER C 57 4.84 27.13 33.91
C SER C 57 5.75 28.35 34.05
N ALA C 58 7.00 28.20 33.62
CA ALA C 58 7.96 29.29 33.68
C ALA C 58 7.86 30.20 32.45
N THR C 59 7.76 29.60 31.27
CA THR C 59 7.71 30.37 30.02
C THR C 59 6.33 30.47 29.37
N GLY C 60 5.49 29.46 29.62
CA GLY C 60 4.18 29.43 29.01
C GLY C 60 4.27 28.76 27.65
N ASN C 61 5.48 28.35 27.27
CA ASN C 61 5.70 27.68 26.00
C ASN C 61 5.07 26.30 26.00
N VAL C 62 4.62 25.87 24.83
CA VAL C 62 4.00 24.56 24.67
C VAL C 62 4.76 23.83 23.55
N ALA C 63 4.95 22.54 23.74
CA ALA C 63 5.68 21.76 22.76
C ALA C 63 4.85 21.35 21.55
N SER C 64 5.54 21.08 20.45
CA SER C 64 4.91 20.58 19.24
C SER C 64 5.42 19.15 19.16
N PHE C 65 4.68 18.28 18.49
CA PHE C 65 5.14 16.92 18.37
C PHE C 65 4.60 16.24 17.14
N LEU C 66 5.34 15.22 16.70
CA LEU C 66 4.99 14.42 15.55
C LEU C 66 5.17 13.00 16.03
N THR C 67 4.14 12.19 15.87
CA THR C 67 4.21 10.81 16.29
C THR C 67 3.44 9.94 15.30
N SER C 68 3.96 8.75 15.05
CA SER C 68 3.35 7.80 14.13
C SER C 68 3.31 6.44 14.81
N PHE C 69 2.27 5.66 14.51
CA PHE C 69 2.15 4.33 15.08
C PHE C 69 1.26 3.48 14.19
N SER C 70 1.42 2.17 14.28
CA SER C 70 0.59 1.26 13.50
C SER C 70 -0.04 0.28 14.47
N PHE C 71 -1.30 -0.05 14.21
CA PHE C 71 -2.01 -0.98 15.07
C PHE C 71 -2.77 -1.97 14.21
N GLU C 72 -3.38 -2.95 14.86
CA GLU C 72 -4.15 -3.96 14.17
C GLU C 72 -5.27 -4.45 15.07
N MET C 73 -6.48 -4.48 14.54
CA MET C 73 -7.63 -4.99 15.29
C MET C 73 -8.17 -6.13 14.45
N LYS C 74 -8.51 -7.24 15.11
CA LYS C 74 -9.03 -8.41 14.39
C LYS C 74 -10.14 -9.12 15.15
N ASP C 75 -11.20 -9.46 14.41
CA ASP C 75 -12.36 -10.13 14.96
C ASP C 75 -12.01 -11.50 15.56
N ILE C 76 -12.96 -12.07 16.30
CA ILE C 76 -12.83 -13.39 16.88
C ILE C 76 -14.24 -13.90 17.14
N LYS C 77 -14.40 -15.22 17.16
CA LYS C 77 -15.71 -15.83 17.43
C LYS C 77 -15.83 -15.87 18.95
N ASP C 78 -17.01 -15.62 19.51
CA ASP C 78 -18.23 -15.27 18.79
C ASP C 78 -18.71 -13.99 19.46
N TYR C 79 -17.82 -13.01 19.55
CA TYR C 79 -18.13 -11.73 20.19
C TYR C 79 -18.12 -10.62 19.16
N ASP C 80 -18.72 -9.48 19.53
CA ASP C 80 -18.75 -8.34 18.64
C ASP C 80 -17.36 -7.71 18.62
N PRO C 81 -16.92 -7.20 17.45
CA PRO C 81 -15.61 -6.57 17.33
C PRO C 81 -15.60 -5.26 18.10
N ALA C 82 -15.26 -5.32 19.39
CA ALA C 82 -15.25 -4.13 20.24
C ALA C 82 -14.13 -4.21 21.27
N ASP C 83 -13.79 -3.10 21.90
CA ASP C 83 -14.43 -1.80 21.68
C ASP C 83 -13.59 -0.78 20.91
N GLY C 84 -12.29 -0.98 20.85
CA GLY C 84 -11.44 -0.05 20.12
C GLY C 84 -10.15 0.30 20.83
N ILE C 85 -9.37 1.16 20.20
CA ILE C 85 -8.09 1.59 20.75
C ILE C 85 -8.05 3.11 20.85
N ILE C 86 -7.37 3.62 21.87
CA ILE C 86 -7.24 5.05 22.02
C ILE C 86 -5.81 5.43 22.35
N PHE C 87 -5.26 6.32 21.54
CA PHE C 87 -3.91 6.83 21.74
C PHE C 87 -4.19 8.01 22.67
N PHE C 88 -3.59 8.02 23.86
CA PHE C 88 -3.88 9.11 24.77
C PHE C 88 -2.72 9.78 25.49
N ILE C 89 -3.02 10.94 26.03
CA ILE C 89 -2.06 11.76 26.75
C ILE C 89 -2.73 12.05 28.10
N ALA C 90 -2.01 11.83 29.19
CA ALA C 90 -2.60 12.04 30.50
C ALA C 90 -1.59 12.36 31.59
N PRO C 91 -2.06 12.76 32.78
CA PRO C 91 -1.15 13.07 33.90
C PRO C 91 -0.24 11.86 34.12
N GLU C 92 1.02 12.11 34.48
CA GLU C 92 1.99 11.04 34.67
C GLU C 92 1.61 9.94 35.65
N ASP C 93 0.62 10.19 36.50
CA ASP C 93 0.20 9.19 37.47
C ASP C 93 -1.04 8.43 37.01
N THR C 94 -1.45 8.64 35.75
CA THR C 94 -2.63 7.99 35.21
C THR C 94 -2.67 6.48 35.44
N GLN C 95 -3.85 5.97 35.73
CA GLN C 95 -4.05 4.56 35.99
C GLN C 95 -5.42 4.17 35.46
N ILE C 96 -5.63 2.88 35.25
CA ILE C 96 -6.92 2.41 34.78
C ILE C 96 -7.96 2.81 35.84
N PRO C 97 -9.05 3.46 35.42
CA PRO C 97 -10.09 3.88 36.37
C PRO C 97 -10.51 2.76 37.31
N ALA C 98 -10.63 3.08 38.58
CA ALA C 98 -11.02 2.11 39.59
C ALA C 98 -12.38 1.51 39.23
N GLY C 99 -12.48 0.19 39.31
CA GLY C 99 -13.73 -0.48 38.98
C GLY C 99 -14.16 -0.17 37.55
N SER C 100 -13.18 -0.13 36.65
CA SER C 100 -13.44 0.13 35.24
C SER C 100 -14.33 -0.93 34.63
N ILE C 101 -15.31 -0.51 33.85
CA ILE C 101 -16.20 -1.45 33.19
C ILE C 101 -15.69 -1.74 31.78
N GLY C 102 -14.60 -1.07 31.41
CA GLY C 102 -14.04 -1.24 30.09
C GLY C 102 -15.08 -0.84 29.05
N GLY C 103 -15.27 -1.69 28.05
CA GLY C 103 -16.26 -1.40 27.02
C GLY C 103 -16.01 -0.09 26.32
N GLY C 104 -17.08 0.69 26.14
CA GLY C 104 -16.97 1.97 25.46
C GLY C 104 -16.13 3.03 26.16
N THR C 105 -15.67 2.76 27.37
CA THR C 105 -14.86 3.73 28.10
C THR C 105 -13.43 3.67 27.59
N LEU C 106 -13.16 2.69 26.74
CA LEU C 106 -11.83 2.49 26.15
C LEU C 106 -10.73 2.40 27.19
N GLY C 107 -11.11 2.15 28.44
CA GLY C 107 -10.15 2.01 29.51
C GLY C 107 -9.51 3.30 30.02
N VAL C 108 -10.12 4.45 29.70
CA VAL C 108 -9.57 5.72 30.15
C VAL C 108 -10.57 6.60 30.89
N SER C 109 -11.86 6.27 30.79
CA SER C 109 -12.88 7.07 31.44
C SER C 109 -13.71 6.29 32.45
N ASP C 110 -14.57 6.99 33.16
CA ASP C 110 -15.44 6.35 34.13
C ASP C 110 -16.71 5.94 33.41
N THR C 111 -17.64 5.34 34.14
CA THR C 111 -18.90 4.90 33.55
C THR C 111 -19.62 5.97 32.77
N LYS C 112 -19.59 7.20 33.27
CA LYS C 112 -20.27 8.32 32.58
C LYS C 112 -19.51 8.70 31.32
N GLY C 113 -18.28 8.20 31.18
CA GLY C 113 -17.46 8.50 30.02
C GLY C 113 -16.51 9.67 30.20
N ALA C 114 -16.15 9.96 31.45
CA ALA C 114 -15.25 11.07 31.73
C ALA C 114 -13.93 10.64 32.36
N GLY C 115 -12.92 11.47 32.15
CA GLY C 115 -11.60 11.18 32.69
C GLY C 115 -10.66 12.34 32.41
N HIS C 116 -9.42 12.25 32.88
CA HIS C 116 -8.46 13.31 32.65
C HIS C 116 -7.48 12.82 31.58
N PHE C 117 -7.75 13.19 30.33
CA PHE C 117 -6.89 12.76 29.23
C PHE C 117 -7.32 13.41 27.93
N VAL C 118 -6.38 13.44 26.99
CA VAL C 118 -6.65 13.93 25.65
C VAL C 118 -6.22 12.74 24.81
N GLY C 119 -6.99 12.42 23.78
CA GLY C 119 -6.62 11.28 22.96
C GLY C 119 -7.31 11.21 21.61
N VAL C 120 -6.87 10.23 20.82
CA VAL C 120 -7.41 9.98 19.50
C VAL C 120 -7.91 8.54 19.56
N GLU C 121 -9.22 8.37 19.45
CA GLU C 121 -9.77 7.04 19.53
C GLU C 121 -10.09 6.44 18.16
N PHE C 122 -10.01 5.11 18.13
CA PHE C 122 -10.29 4.33 16.94
C PHE C 122 -11.39 3.40 17.44
N ASP C 123 -12.61 3.91 17.35
CA ASP C 123 -13.82 3.28 17.84
C ASP C 123 -14.54 2.32 16.90
N THR C 124 -14.72 1.08 17.33
CA THR C 124 -15.38 0.07 16.51
C THR C 124 -16.76 -0.40 17.00
N TYR C 125 -17.39 0.36 17.89
CA TYR C 125 -18.72 0.01 18.40
C TYR C 125 -19.46 1.28 18.80
N SER C 126 -20.73 1.38 18.45
CA SER C 126 -21.49 2.60 18.75
C SER C 126 -22.22 2.64 20.10
N ASN C 127 -21.61 3.30 21.08
CA ASN C 127 -22.23 3.45 22.39
C ASN C 127 -23.10 4.69 22.38
N SER C 128 -24.40 4.49 22.46
CA SER C 128 -25.33 5.61 22.45
C SER C 128 -25.21 6.46 23.72
N GLU C 129 -24.71 5.85 24.79
CA GLU C 129 -24.56 6.57 26.06
C GLU C 129 -23.43 7.58 26.00
N TYR C 130 -22.63 7.52 24.94
CA TYR C 130 -21.53 8.48 24.77
C TYR C 130 -21.72 9.23 23.46
N ASN C 131 -22.95 9.20 22.96
CA ASN C 131 -23.31 9.87 21.71
C ASN C 131 -22.45 9.49 20.52
N ASP C 132 -22.01 8.23 20.45
CA ASP C 132 -21.20 7.80 19.32
C ASP C 132 -21.93 7.85 17.99
N PRO C 133 -21.18 8.06 16.90
CA PRO C 133 -21.84 8.09 15.59
C PRO C 133 -22.24 6.64 15.30
N PRO C 134 -23.18 6.44 14.37
CA PRO C 134 -23.65 5.09 14.02
C PRO C 134 -22.64 4.08 13.50
N THR C 135 -21.51 4.54 12.97
CA THR C 135 -20.51 3.61 12.45
C THR C 135 -19.16 3.72 13.12
N ASP C 136 -18.22 2.88 12.70
CA ASP C 136 -16.87 2.91 13.24
C ASP C 136 -16.39 4.34 13.00
N HIS C 137 -15.47 4.81 13.83
CA HIS C 137 -15.00 6.17 13.66
C HIS C 137 -13.72 6.49 14.40
N VAL C 138 -13.09 7.57 13.96
CA VAL C 138 -11.88 8.06 14.60
C VAL C 138 -12.38 9.30 15.34
N GLY C 139 -11.94 9.49 16.57
CA GLY C 139 -12.40 10.65 17.32
C GLY C 139 -11.33 11.35 18.12
N ILE C 140 -11.53 12.65 18.35
CA ILE C 140 -10.61 13.46 19.13
C ILE C 140 -11.32 13.63 20.47
N ASP C 141 -10.73 13.08 21.53
CA ASP C 141 -11.34 13.17 22.85
C ASP C 141 -10.58 14.08 23.80
N VAL C 142 -11.34 14.85 24.58
CA VAL C 142 -10.78 15.78 25.56
C VAL C 142 -11.50 15.54 26.87
N ASN C 143 -10.93 14.70 27.73
CA ASN C 143 -11.50 14.37 29.02
C ASN C 143 -12.87 13.70 28.93
N SER C 144 -13.09 12.93 27.87
CA SER C 144 -14.37 12.25 27.68
C SER C 144 -14.39 11.41 26.41
N VAL C 145 -15.06 10.26 26.46
CA VAL C 145 -15.16 9.41 25.29
C VAL C 145 -16.34 9.90 24.45
N ASP C 146 -16.99 10.97 24.91
CA ASP C 146 -18.06 11.58 24.15
C ASP C 146 -17.21 12.57 23.35
N SER C 147 -16.65 12.08 22.26
CA SER C 147 -15.75 12.85 21.42
C SER C 147 -16.14 14.28 21.12
N VAL C 148 -15.15 15.15 21.14
CA VAL C 148 -15.37 16.56 20.83
C VAL C 148 -15.70 16.58 19.35
N LYS C 149 -15.20 15.59 18.62
CA LYS C 149 -15.41 15.51 17.19
C LYS C 149 -15.04 14.12 16.66
N THR C 150 -15.77 13.64 15.66
CA THR C 150 -15.50 12.35 15.07
C THR C 150 -15.58 12.41 13.55
N VAL C 151 -15.10 11.36 12.90
CA VAL C 151 -15.14 11.24 11.45
C VAL C 151 -15.38 9.78 11.11
N PRO C 152 -16.26 9.50 10.14
CA PRO C 152 -16.53 8.11 9.75
C PRO C 152 -15.27 7.38 9.33
N TRP C 153 -15.11 6.15 9.85
CA TRP C 153 -13.95 5.34 9.55
C TRP C 153 -14.40 3.89 9.53
N ASN C 154 -13.54 2.98 9.08
CA ASN C 154 -13.92 1.58 9.04
C ASN C 154 -12.77 0.71 9.52
N SER C 155 -13.01 0.00 10.62
CA SER C 155 -12.01 -0.88 11.18
C SER C 155 -12.03 -2.22 10.43
N VAL C 156 -10.98 -2.47 9.65
CA VAL C 156 -10.88 -3.69 8.88
C VAL C 156 -10.13 -4.77 9.64
N SER C 157 -10.84 -5.85 9.97
CA SER C 157 -10.26 -6.95 10.71
C SER C 157 -9.02 -7.53 10.02
N GLY C 158 -7.94 -7.68 10.79
CA GLY C 158 -6.72 -8.24 10.24
C GLY C 158 -5.82 -7.29 9.49
N ALA C 159 -6.28 -6.05 9.28
CA ALA C 159 -5.49 -5.07 8.56
C ALA C 159 -4.59 -4.23 9.45
N VAL C 160 -3.39 -3.92 8.96
CA VAL C 160 -2.45 -3.10 9.72
C VAL C 160 -2.72 -1.63 9.34
N VAL C 161 -3.03 -0.81 10.35
CA VAL C 161 -3.34 0.59 10.17
C VAL C 161 -2.18 1.49 10.59
N LYS C 162 -1.87 2.51 9.80
CA LYS C 162 -0.80 3.43 10.12
C LYS C 162 -1.38 4.80 10.44
N VAL C 163 -0.97 5.38 11.56
CA VAL C 163 -1.48 6.68 11.96
C VAL C 163 -0.38 7.72 12.12
N THR C 164 -0.67 8.94 11.67
CA THR C 164 0.26 10.04 11.78
C THR C 164 -0.45 11.17 12.53
N VAL C 165 0.20 11.68 13.56
CA VAL C 165 -0.37 12.74 14.36
C VAL C 165 0.57 13.93 14.52
N ILE C 166 0.05 15.11 14.23
CA ILE C 166 0.84 16.32 14.37
C ILE C 166 0.15 17.27 15.32
N TYR C 167 0.91 17.75 16.31
CA TYR C 167 0.37 18.72 17.24
C TYR C 167 1.19 19.99 17.02
N ASP C 168 0.53 21.06 16.59
CA ASP C 168 1.21 22.34 16.35
C ASP C 168 0.83 23.21 17.54
N SER C 169 1.78 23.45 18.44
CA SER C 169 1.50 24.24 19.64
C SER C 169 1.01 25.66 19.36
N SER C 170 1.61 26.32 18.38
CA SER C 170 1.21 27.69 18.04
C SER C 170 -0.30 27.80 17.81
N THR C 171 -0.82 26.98 16.90
CA THR C 171 -2.26 27.01 16.60
C THR C 171 -3.02 26.06 17.52
N LYS C 172 -2.30 25.35 18.39
CA LYS C 172 -2.93 24.40 19.31
C LYS C 172 -3.73 23.36 18.55
N THR C 173 -3.31 23.06 17.32
CA THR C 173 -4.03 22.10 16.50
C THR C 173 -3.46 20.68 16.53
N LEU C 174 -4.35 19.72 16.70
CA LEU C 174 -3.98 18.31 16.72
C LEU C 174 -4.54 17.71 15.42
N SER C 175 -3.65 17.42 14.47
CA SER C 175 -4.07 16.83 13.20
C SER C 175 -3.79 15.34 13.16
N VAL C 176 -4.74 14.57 12.64
CA VAL C 176 -4.60 13.13 12.56
C VAL C 176 -4.89 12.61 11.15
N ALA C 177 -4.01 11.73 10.67
CA ALA C 177 -4.16 11.12 9.35
C ALA C 177 -4.09 9.62 9.57
N VAL C 178 -5.10 8.90 9.10
CA VAL C 178 -5.18 7.47 9.27
C VAL C 178 -5.33 6.69 7.98
N THR C 179 -4.62 5.57 7.92
CA THR C 179 -4.63 4.67 6.77
C THR C 179 -5.92 3.85 6.72
N ASN C 180 -6.18 3.26 5.56
CA ASN C 180 -7.35 2.41 5.33
C ASN C 180 -6.92 1.27 4.41
N ASP C 181 -7.42 0.07 4.68
CA ASP C 181 -7.06 -1.08 3.87
C ASP C 181 -7.33 -0.83 2.38
N ASN C 182 -8.44 -0.16 2.07
CA ASN C 182 -8.80 0.10 0.68
C ASN C 182 -7.92 1.16 0.01
N GLY C 183 -6.96 1.69 0.75
CA GLY C 183 -6.06 2.69 0.19
C GLY C 183 -6.33 4.15 0.49
N ASP C 184 -7.54 4.48 0.91
CA ASP C 184 -7.89 5.86 1.23
C ASP C 184 -7.27 6.34 2.53
N ILE C 185 -7.20 7.65 2.71
CA ILE C 185 -6.71 8.20 3.96
C ILE C 185 -7.86 8.94 4.61
N THR C 186 -7.88 8.92 5.93
CA THR C 186 -8.92 9.59 6.69
C THR C 186 -8.20 10.56 7.61
N THR C 187 -8.72 11.78 7.72
CA THR C 187 -8.10 12.77 8.57
C THR C 187 -9.12 13.46 9.46
N ILE C 188 -8.63 13.96 10.59
CA ILE C 188 -9.45 14.67 11.54
C ILE C 188 -8.49 15.58 12.31
N ALA C 189 -8.90 16.82 12.53
CA ALA C 189 -8.07 17.78 13.24
C ALA C 189 -8.95 18.57 14.20
N GLN C 190 -8.36 19.06 15.28
CA GLN C 190 -9.10 19.81 16.28
C GLN C 190 -8.20 20.66 17.15
N VAL C 191 -8.65 21.88 17.43
CA VAL C 191 -7.91 22.79 18.29
C VAL C 191 -8.08 22.28 19.71
N VAL C 192 -6.96 21.97 20.36
CA VAL C 192 -6.96 21.47 21.73
C VAL C 192 -5.84 22.14 22.51
N ASP C 193 -6.21 22.90 23.54
CA ASP C 193 -5.23 23.62 24.37
C ASP C 193 -4.68 22.67 25.44
N LEU C 194 -3.56 22.03 25.14
CA LEU C 194 -2.96 21.08 26.06
C LEU C 194 -2.56 21.71 27.40
N LYS C 195 -2.15 22.97 27.36
CA LYS C 195 -1.75 23.66 28.57
C LYS C 195 -2.92 23.79 29.54
N ALA C 196 -4.11 24.05 29.00
CA ALA C 196 -5.30 24.22 29.83
C ALA C 196 -5.94 22.89 30.24
N LYS C 197 -5.75 21.85 29.43
CA LYS C 197 -6.36 20.56 29.73
C LYS C 197 -5.45 19.54 30.40
N LEU C 198 -4.13 19.71 30.28
CA LEU C 198 -3.20 18.77 30.88
C LEU C 198 -2.09 19.44 31.67
N PRO C 199 -1.47 18.72 32.60
CA PRO C 199 -0.38 19.26 33.42
C PRO C 199 0.89 19.38 32.56
N GLU C 200 1.89 20.08 33.09
CA GLU C 200 3.15 20.28 32.39
C GLU C 200 3.80 18.97 31.95
N ARG C 201 3.79 17.99 32.85
CA ARG C 201 4.38 16.69 32.56
C ARG C 201 3.28 15.66 32.33
N VAL C 202 3.39 14.91 31.24
CA VAL C 202 2.39 13.91 30.92
C VAL C 202 3.04 12.62 30.43
N LYS C 203 2.20 11.61 30.26
CA LYS C 203 2.64 10.33 29.73
C LYS C 203 1.77 10.05 28.51
N PHE C 204 2.39 9.52 27.47
CA PHE C 204 1.69 9.19 26.23
C PHE C 204 1.53 7.68 26.22
N GLY C 205 0.46 7.21 25.59
CA GLY C 205 0.25 5.77 25.53
C GLY C 205 -0.95 5.30 24.74
N PHE C 206 -1.28 4.03 24.90
CA PHE C 206 -2.41 3.41 24.21
C PHE C 206 -3.25 2.60 25.19
N SER C 207 -4.56 2.59 24.96
CA SER C 207 -5.47 1.83 25.80
C SER C 207 -6.54 1.19 24.94
N ALA C 208 -7.08 0.07 25.39
CA ALA C 208 -8.13 -0.64 24.66
C ALA C 208 -8.93 -1.43 25.69
N SER C 209 -10.19 -1.70 25.39
CA SER C 209 -11.02 -2.44 26.32
C SER C 209 -12.10 -3.24 25.61
N GLY C 210 -12.77 -4.10 26.38
CA GLY C 210 -13.84 -4.91 25.86
C GLY C 210 -14.89 -5.10 26.93
N SER C 211 -15.98 -5.77 26.61
CA SER C 211 -17.04 -6.03 27.57
C SER C 211 -17.31 -7.53 27.63
N LEU C 212 -18.51 -7.89 28.11
CA LEU C 212 -18.88 -9.29 28.22
C LEU C 212 -19.03 -9.85 26.80
N GLY C 213 -19.84 -9.16 26.00
CA GLY C 213 -20.08 -9.60 24.63
C GLY C 213 -19.27 -8.87 23.58
N GLY C 214 -18.51 -7.87 24.00
CA GLY C 214 -17.69 -7.12 23.06
C GLY C 214 -16.22 -7.40 23.26
N ARG C 215 -15.60 -8.10 22.31
CA ARG C 215 -14.20 -8.43 22.41
C ARG C 215 -13.57 -8.58 21.02
N GLN C 216 -12.31 -8.18 20.91
CA GLN C 216 -11.56 -8.27 19.66
C GLN C 216 -10.09 -8.13 19.99
N ILE C 217 -9.24 -8.49 19.03
CA ILE C 217 -7.81 -8.39 19.21
C ILE C 217 -7.38 -6.94 18.98
N HIS C 218 -6.65 -6.39 19.96
CA HIS C 218 -6.15 -5.01 19.87
C HIS C 218 -4.64 -5.04 19.96
N LEU C 219 -3.96 -4.76 18.84
CA LEU C 219 -2.51 -4.80 18.81
C LEU C 219 -1.83 -3.48 18.43
N ILE C 220 -0.74 -3.17 19.13
CA ILE C 220 0.06 -1.98 18.81
C ILE C 220 1.33 -2.60 18.24
N ARG C 221 1.62 -2.31 16.98
CA ARG C 221 2.79 -2.89 16.32
C ARG C 221 4.09 -2.09 16.35
N SER C 222 3.99 -0.77 16.23
CA SER C 222 5.17 0.08 16.24
C SER C 222 4.78 1.47 16.69
N TRP C 223 5.78 2.27 17.05
CA TRP C 223 5.48 3.62 17.52
C TRP C 223 6.72 4.51 17.58
N SER C 224 6.69 5.61 16.83
CA SER C 224 7.80 6.56 16.82
C SER C 224 7.23 7.88 17.36
N PHE C 225 8.08 8.69 17.97
CA PHE C 225 7.61 9.94 18.57
C PHE C 225 8.72 10.96 18.73
N THR C 226 8.38 12.23 18.50
CA THR C 226 9.31 13.33 18.66
C THR C 226 8.57 14.60 19.04
N SER C 227 8.95 15.17 20.18
CA SER C 227 8.35 16.40 20.66
C SER C 227 9.47 17.38 20.95
N THR C 228 9.21 18.66 20.72
CA THR C 228 10.20 19.68 20.97
C THR C 228 9.55 20.87 21.67
N LEU C 229 10.16 21.27 22.76
CA LEU C 229 9.69 22.40 23.55
C LEU C 229 10.77 23.46 23.55
N ILE C 230 10.39 24.68 23.18
CA ILE C 230 11.34 25.79 23.16
C ILE C 230 11.52 26.23 24.62
N THR C 231 12.76 26.14 25.10
CA THR C 231 13.05 26.52 26.48
C THR C 231 13.78 27.85 26.59
N THR C 232 13.51 28.54 27.69
CA THR C 232 14.11 29.84 27.96
C THR C 232 14.03 30.08 29.46
N ALA D 1 -14.90 -31.33 -13.03
CA ALA D 1 -13.80 -30.57 -12.38
C ALA D 1 -13.81 -30.77 -10.87
N GLU D 2 -12.67 -31.16 -10.33
CA GLU D 2 -12.51 -31.39 -8.89
C GLU D 2 -11.79 -30.19 -8.29
N THR D 3 -12.52 -29.40 -7.50
CA THR D 3 -11.93 -28.21 -6.91
C THR D 3 -11.77 -28.21 -5.40
N VAL D 4 -10.58 -27.82 -4.95
CA VAL D 4 -10.27 -27.74 -3.52
C VAL D 4 -10.09 -26.24 -3.25
N SER D 5 -10.87 -25.71 -2.33
CA SER D 5 -10.79 -24.30 -2.00
C SER D 5 -10.97 -24.00 -0.52
N PHE D 6 -10.22 -23.02 -0.03
CA PHE D 6 -10.31 -22.62 1.35
C PHE D 6 -9.69 -21.25 1.58
N ASN D 7 -9.92 -20.70 2.76
CA ASN D 7 -9.40 -19.39 3.11
C ASN D 7 -9.23 -19.27 4.61
N PHE D 8 -8.10 -18.70 5.02
CA PHE D 8 -7.80 -18.48 6.42
C PHE D 8 -7.44 -17.01 6.64
N ASN D 9 -8.23 -16.32 7.46
CA ASN D 9 -7.97 -14.92 7.77
C ASN D 9 -7.20 -14.90 9.09
N SER D 10 -7.26 -16.02 9.79
CA SER D 10 -6.57 -16.19 11.04
C SER D 10 -6.56 -17.69 11.33
N PHE D 11 -5.70 -18.13 12.24
CA PHE D 11 -5.61 -19.53 12.57
C PHE D 11 -5.93 -19.76 14.04
N SER D 12 -6.03 -21.04 14.43
CA SER D 12 -6.32 -21.38 15.81
C SER D 12 -5.78 -22.76 16.13
N GLU D 13 -5.10 -22.87 17.27
CA GLU D 13 -4.52 -24.13 17.70
C GLU D 13 -5.66 -25.02 18.21
N GLY D 14 -6.45 -25.54 17.28
CA GLY D 14 -7.57 -26.38 17.63
C GLY D 14 -8.40 -26.75 16.42
N ASN D 15 -8.11 -26.10 15.30
CA ASN D 15 -8.84 -26.38 14.06
C ASN D 15 -8.08 -27.48 13.35
N PRO D 16 -8.57 -28.73 13.44
CA PRO D 16 -7.96 -29.91 12.81
C PRO D 16 -7.67 -29.76 11.31
N ALA D 17 -8.29 -28.76 10.70
CA ALA D 17 -8.10 -28.49 9.28
C ALA D 17 -6.64 -28.21 8.95
N ILE D 18 -5.80 -28.14 9.98
CA ILE D 18 -4.39 -27.86 9.81
C ILE D 18 -3.49 -28.73 10.67
N ASN D 19 -2.42 -29.27 10.07
CA ASN D 19 -1.47 -30.10 10.81
C ASN D 19 -0.35 -29.20 11.30
N PHE D 20 -0.02 -29.35 12.57
CA PHE D 20 1.04 -28.55 13.18
C PHE D 20 2.22 -29.47 13.41
N GLN D 21 3.37 -29.10 12.85
CA GLN D 21 4.55 -29.93 13.00
C GLN D 21 5.69 -29.15 13.62
N GLY D 22 6.49 -29.84 14.44
CA GLY D 22 7.63 -29.19 15.06
C GLY D 22 7.33 -28.15 16.10
N ASP D 23 8.09 -27.05 16.05
CA ASP D 23 7.96 -25.96 17.02
C ASP D 23 6.86 -24.94 16.74
N VAL D 24 6.08 -25.15 15.68
CA VAL D 24 5.02 -24.20 15.33
C VAL D 24 4.07 -23.95 16.50
N THR D 25 3.61 -22.71 16.59
CA THR D 25 2.68 -22.32 17.63
C THR D 25 1.71 -21.33 17.01
N VAL D 26 0.57 -21.15 17.65
CA VAL D 26 -0.44 -20.21 17.16
C VAL D 26 -0.62 -19.13 18.22
N LEU D 27 -0.37 -17.89 17.85
CA LEU D 27 -0.48 -16.76 18.78
C LEU D 27 -1.93 -16.33 19.04
N SER D 28 -2.14 -15.60 20.13
CA SER D 28 -3.47 -15.13 20.49
C SER D 28 -4.06 -14.22 19.43
N ASN D 29 -3.20 -13.66 18.59
CA ASN D 29 -3.67 -12.76 17.54
C ASN D 29 -4.08 -13.54 16.29
N GLY D 30 -4.00 -14.86 16.36
CA GLY D 30 -4.39 -15.69 15.23
C GLY D 30 -3.29 -15.97 14.23
N ASN D 31 -2.09 -15.43 14.48
CA ASN D 31 -0.94 -15.65 13.60
C ASN D 31 -0.30 -16.99 13.93
N ILE D 32 0.31 -17.60 12.93
CA ILE D 32 1.01 -18.85 13.14
C ILE D 32 2.48 -18.44 13.26
N GLN D 33 3.14 -18.87 14.31
CA GLN D 33 4.55 -18.56 14.48
C GLN D 33 5.22 -19.90 14.25
N LEU D 34 5.99 -19.98 13.17
CA LEU D 34 6.65 -21.22 12.78
C LEU D 34 7.80 -21.69 13.66
N THR D 35 8.70 -20.80 14.05
CA THR D 35 9.82 -21.23 14.88
C THR D 35 9.79 -20.75 16.33
N ASN D 36 10.50 -21.49 17.18
CA ASN D 36 10.59 -21.17 18.59
C ASN D 36 11.88 -20.36 18.77
N LEU D 37 11.73 -19.08 19.10
CA LEU D 37 12.85 -18.18 19.28
C LEU D 37 13.86 -18.62 20.34
N ASN D 38 13.45 -19.55 21.20
CA ASN D 38 14.33 -20.02 22.26
C ASN D 38 14.96 -21.38 22.04
N LYS D 39 14.73 -21.97 20.86
CA LYS D 39 15.29 -23.28 20.55
C LYS D 39 16.37 -23.25 19.49
N VAL D 40 17.37 -24.10 19.65
CA VAL D 40 18.46 -24.22 18.70
C VAL D 40 17.96 -25.05 17.53
N ASN D 41 18.33 -24.68 16.30
CA ASN D 41 17.90 -25.42 15.12
C ASN D 41 16.40 -25.65 15.16
N SER D 42 15.65 -24.61 15.47
CA SER D 42 14.20 -24.71 15.55
C SER D 42 13.59 -24.96 14.16
N VAL D 43 12.51 -25.73 14.14
CA VAL D 43 11.81 -26.02 12.90
C VAL D 43 10.31 -26.15 13.16
N GLY D 44 9.53 -25.43 12.37
CA GLY D 44 8.10 -25.50 12.53
C GLY D 44 7.46 -25.50 11.17
N ARG D 45 6.42 -26.30 10.99
CA ARG D 45 5.74 -26.36 9.72
C ARG D 45 4.24 -26.47 9.95
N VAL D 46 3.48 -26.04 8.96
CA VAL D 46 2.03 -26.11 9.04
C VAL D 46 1.55 -26.68 7.70
N LEU D 47 0.60 -27.60 7.75
CA LEU D 47 0.08 -28.22 6.55
C LEU D 47 -1.43 -28.17 6.53
N TYR D 48 -2.01 -27.92 5.37
CA TYR D 48 -3.46 -27.95 5.28
C TYR D 48 -3.69 -29.46 5.44
N ALA D 49 -4.49 -29.84 6.44
CA ALA D 49 -4.74 -31.24 6.72
C ALA D 49 -5.27 -32.10 5.58
N MET D 50 -6.21 -31.58 4.80
CA MET D 50 -6.77 -32.38 3.70
C MET D 50 -5.79 -32.56 2.55
N PRO D 51 -5.52 -33.82 2.17
CA PRO D 51 -4.60 -34.06 1.05
C PRO D 51 -5.24 -33.48 -0.21
N VAL D 52 -4.43 -32.93 -1.11
CA VAL D 52 -4.97 -32.38 -2.34
C VAL D 52 -4.51 -33.22 -3.53
N ARG D 53 -5.47 -33.59 -4.37
CA ARG D 53 -5.18 -34.40 -5.55
C ARG D 53 -4.77 -33.43 -6.66
N ILE D 54 -3.47 -33.41 -6.97
CA ILE D 54 -2.96 -32.52 -8.01
C ILE D 54 -2.91 -33.10 -9.42
N TRP D 55 -3.07 -34.43 -9.54
CA TRP D 55 -3.09 -35.05 -10.85
C TRP D 55 -3.85 -36.39 -10.84
N SER D 56 -4.31 -36.80 -12.02
CA SER D 56 -5.07 -38.03 -12.17
C SER D 56 -4.30 -39.16 -12.82
N SER D 57 -4.29 -40.31 -12.18
CA SER D 57 -3.60 -41.47 -12.71
C SER D 57 -4.43 -42.08 -13.83
N ALA D 58 -5.66 -41.60 -13.97
CA ALA D 58 -6.57 -42.09 -15.01
C ALA D 58 -6.45 -41.27 -16.28
N THR D 59 -6.56 -39.96 -16.14
CA THR D 59 -6.49 -39.06 -17.30
C THR D 59 -5.11 -38.54 -17.62
N GLY D 60 -4.28 -38.37 -16.59
CA GLY D 60 -2.95 -37.84 -16.79
C GLY D 60 -2.99 -36.33 -16.60
N ASN D 61 -4.20 -35.82 -16.34
CA ASN D 61 -4.42 -34.39 -16.14
C ASN D 61 -3.79 -33.88 -14.85
N VAL D 62 -3.35 -32.64 -14.89
CA VAL D 62 -2.76 -32.00 -13.72
C VAL D 62 -3.58 -30.76 -13.40
N ALA D 63 -3.65 -30.42 -12.13
CA ALA D 63 -4.45 -29.29 -11.71
C ALA D 63 -3.70 -27.97 -11.83
N SER D 64 -4.46 -26.90 -11.83
CA SER D 64 -3.93 -25.54 -11.84
C SER D 64 -4.32 -25.07 -10.45
N PHE D 65 -3.61 -24.10 -9.91
CA PHE D 65 -4.03 -23.58 -8.62
C PHE D 65 -3.66 -22.12 -8.51
N LEU D 66 -4.39 -21.43 -7.64
CA LEU D 66 -4.19 -20.02 -7.37
C LEU D 66 -4.19 -19.91 -5.87
N THR D 67 -3.11 -19.39 -5.31
CA THR D 67 -3.04 -19.27 -3.87
C THR D 67 -2.38 -17.95 -3.48
N SER D 68 -2.85 -17.38 -2.39
CA SER D 68 -2.32 -16.13 -1.88
C SER D 68 -2.17 -16.25 -0.37
N PHE D 69 -1.11 -15.67 0.15
CA PHE D 69 -0.86 -15.71 1.58
C PHE D 69 -0.02 -14.53 1.99
N SER D 70 -0.10 -14.16 3.25
CA SER D 70 0.66 -13.03 3.77
C SER D 70 1.47 -13.56 4.94
N PHE D 71 2.66 -13.01 5.09
CA PHE D 71 3.53 -13.42 6.19
C PHE D 71 4.32 -12.22 6.69
N GLU D 72 5.06 -12.45 7.76
CA GLU D 72 5.88 -11.40 8.34
C GLU D 72 7.11 -12.03 8.97
N MET D 73 8.24 -11.35 8.83
CA MET D 73 9.47 -11.80 9.45
C MET D 73 10.03 -10.58 10.16
N LYS D 74 10.44 -10.75 11.40
CA LYS D 74 11.00 -9.65 12.18
C LYS D 74 12.25 -10.07 12.93
N ASP D 75 13.24 -9.19 12.98
CA ASP D 75 14.49 -9.48 13.66
C ASP D 75 14.31 -9.48 15.18
N ILE D 76 15.27 -10.08 15.87
CA ILE D 76 15.26 -10.13 17.32
C ILE D 76 16.71 -10.05 17.81
N LYS D 77 16.89 -9.53 19.02
CA LYS D 77 18.22 -9.45 19.61
C LYS D 77 18.48 -10.88 20.05
N ASP D 78 19.67 -11.41 19.86
CA ASP D 78 20.80 -10.75 19.22
C ASP D 78 21.30 -11.81 18.24
N TYR D 79 20.36 -12.35 17.46
CA TYR D 79 20.67 -13.39 16.48
C TYR D 79 20.51 -12.87 15.07
N ASP D 80 21.14 -13.55 14.12
CA ASP D 80 21.03 -13.16 12.73
C ASP D 80 19.62 -13.47 12.26
N PRO D 81 19.02 -12.59 11.45
CA PRO D 81 17.66 -12.81 10.95
C PRO D 81 17.71 -13.97 9.95
N ALA D 82 17.42 -15.17 10.44
CA ALA D 82 17.45 -16.36 9.60
C ALA D 82 16.44 -17.38 10.13
N ASP D 83 16.08 -18.37 9.31
CA ASP D 83 16.61 -18.56 7.97
C ASP D 83 15.64 -18.22 6.84
N GLY D 84 14.36 -18.10 7.14
CA GLY D 84 13.39 -17.79 6.11
C GLY D 84 12.20 -18.72 6.11
N ILE D 85 11.25 -18.46 5.21
CA ILE D 85 10.05 -19.25 5.10
C ILE D 85 9.91 -19.86 3.71
N ILE D 86 9.37 -21.07 3.65
CA ILE D 86 9.14 -21.70 2.36
C ILE D 86 7.72 -22.23 2.28
N PHE D 87 7.05 -21.91 1.17
CA PHE D 87 5.70 -22.39 0.92
C PHE D 87 5.98 -23.65 0.12
N PHE D 88 5.51 -24.79 0.59
CA PHE D 88 5.83 -26.02 -0.12
C PHE D 88 4.70 -26.99 -0.38
N ILE D 89 4.99 -27.95 -1.27
CA ILE D 89 4.06 -28.99 -1.66
C ILE D 89 4.84 -30.29 -1.47
N ALA D 90 4.22 -31.28 -0.85
CA ALA D 90 4.94 -32.52 -0.61
C ALA D 90 4.03 -33.74 -0.44
N PRO D 91 4.60 -34.95 -0.43
CA PRO D 91 3.80 -36.17 -0.26
C PRO D 91 2.95 -35.99 1.00
N GLU D 92 1.78 -36.62 1.04
CA GLU D 92 0.91 -36.47 2.20
C GLU D 92 1.49 -36.95 3.53
N ASP D 93 2.53 -37.78 3.49
CA ASP D 93 3.13 -38.28 4.72
C ASP D 93 4.33 -37.44 5.13
N THR D 94 4.51 -36.30 4.47
CA THR D 94 5.64 -35.41 4.76
C THR D 94 5.74 -35.03 6.24
N GLN D 95 6.97 -35.06 6.73
CA GLN D 95 7.24 -34.72 8.13
C GLN D 95 8.59 -34.00 8.14
N ILE D 96 8.87 -33.28 9.21
CA ILE D 96 10.15 -32.58 9.30
C ILE D 96 11.22 -33.65 9.17
N PRO D 97 12.24 -33.43 8.33
CA PRO D 97 13.31 -34.41 8.13
C PRO D 97 13.89 -34.91 9.46
N ALA D 98 14.22 -36.20 9.50
CA ALA D 98 14.78 -36.80 10.71
C ALA D 98 16.11 -36.15 11.09
N GLY D 99 16.26 -35.80 12.37
CA GLY D 99 17.48 -35.18 12.84
C GLY D 99 17.77 -33.87 12.13
N SER D 100 16.72 -33.13 11.79
CA SER D 100 16.85 -31.85 11.10
C SER D 100 17.76 -30.85 11.81
N ILE D 101 18.63 -30.20 11.03
CA ILE D 101 19.53 -29.21 11.60
C ILE D 101 18.94 -27.82 11.40
N GLY D 102 17.71 -27.78 10.87
CA GLY D 102 17.06 -26.51 10.63
C GLY D 102 17.96 -25.64 9.78
N GLY D 103 18.09 -24.37 10.16
CA GLY D 103 18.95 -23.46 9.42
C GLY D 103 18.58 -23.27 7.97
N GLY D 104 19.55 -23.49 7.08
CA GLY D 104 19.33 -23.31 5.66
C GLY D 104 18.50 -24.38 4.96
N THR D 105 18.19 -25.46 5.67
CA THR D 105 17.39 -26.53 5.09
C THR D 105 15.94 -26.07 5.03
N LEU D 106 15.63 -25.02 5.77
CA LEU D 106 14.29 -24.45 5.83
C LEU D 106 13.27 -25.47 6.34
N GLY D 107 13.77 -26.49 7.03
CA GLY D 107 12.90 -27.51 7.59
C GLY D 107 12.24 -28.45 6.59
N VAL D 108 12.74 -28.47 5.36
CA VAL D 108 12.17 -29.34 4.34
C VAL D 108 13.18 -30.26 3.68
N SER D 109 14.43 -30.16 4.07
CA SER D 109 15.45 -31.01 3.47
C SER D 109 16.47 -31.53 4.48
N ASP D 110 17.30 -32.46 4.03
CA ASP D 110 18.34 -33.02 4.88
C ASP D 110 19.53 -32.06 4.86
N THR D 111 20.64 -32.49 5.45
CA THR D 111 21.85 -31.67 5.53
C THR D 111 22.43 -31.30 4.17
N LYS D 112 22.35 -32.21 3.21
CA LYS D 112 22.88 -31.95 1.87
C LYS D 112 21.97 -30.96 1.14
N GLY D 113 20.78 -30.74 1.68
CA GLY D 113 19.84 -29.81 1.08
C GLY D 113 18.82 -30.50 0.18
N ALA D 114 18.76 -31.82 0.28
CA ALA D 114 17.85 -32.60 -0.53
C ALA D 114 16.60 -33.03 0.24
N GLY D 115 15.49 -33.16 -0.49
CA GLY D 115 14.23 -33.58 0.10
C GLY D 115 13.21 -33.87 -0.98
N HIS D 116 12.00 -34.28 -0.59
CA HIS D 116 10.97 -34.57 -1.57
C HIS D 116 9.89 -33.49 -1.44
N PHE D 117 9.99 -32.47 -2.29
CA PHE D 117 9.04 -31.38 -2.22
C PHE D 117 9.26 -30.38 -3.35
N VAL D 118 8.29 -29.51 -3.52
CA VAL D 118 8.35 -28.44 -4.49
C VAL D 118 7.95 -27.22 -3.68
N GLY D 119 8.64 -26.10 -3.83
CA GLY D 119 8.27 -24.94 -3.06
C GLY D 119 8.82 -23.59 -3.50
N VAL D 120 8.30 -22.54 -2.87
CA VAL D 120 8.73 -21.18 -3.14
C VAL D 120 9.31 -20.69 -1.82
N GLU D 121 10.60 -20.41 -1.82
CA GLU D 121 11.25 -19.96 -0.60
C GLU D 121 11.51 -18.46 -0.52
N PHE D 122 11.43 -17.95 0.69
CA PHE D 122 11.66 -16.55 1.02
C PHE D 122 12.83 -16.63 1.98
N ASP D 123 14.00 -16.74 1.36
CA ASP D 123 15.28 -16.91 2.02
C ASP D 123 15.94 -15.63 2.53
N THR D 124 16.31 -15.61 3.81
CA THR D 124 16.93 -14.42 4.41
C THR D 124 18.38 -14.59 4.88
N TYR D 125 19.02 -15.69 4.49
CA TYR D 125 20.42 -15.91 4.87
C TYR D 125 21.14 -16.64 3.74
N SER D 126 22.37 -16.24 3.46
CA SER D 126 23.10 -16.85 2.36
C SER D 126 23.93 -18.07 2.74
N ASN D 127 23.42 -19.26 2.44
CA ASN D 127 24.13 -20.51 2.71
C ASN D 127 24.93 -20.91 1.49
N SER D 128 26.25 -20.84 1.59
CA SER D 128 27.12 -21.21 0.47
C SER D 128 26.99 -22.70 0.16
N GLU D 129 26.76 -23.51 1.19
CA GLU D 129 26.64 -24.95 1.00
C GLU D 129 25.46 -25.33 0.10
N TYR D 130 24.55 -24.38 -0.11
CA TYR D 130 23.39 -24.62 -0.96
C TYR D 130 23.37 -23.68 -2.16
N ASN D 131 24.52 -23.05 -2.41
CA ASN D 131 24.66 -22.12 -3.53
C ASN D 131 23.68 -20.96 -3.52
N ASP D 132 23.35 -20.45 -2.34
CA ASP D 132 22.46 -19.31 -2.23
C ASP D 132 23.09 -18.08 -2.88
N PRO D 133 22.26 -17.17 -3.41
CA PRO D 133 22.82 -15.97 -4.02
C PRO D 133 23.25 -15.11 -2.82
N PRO D 134 24.07 -14.08 -3.04
CA PRO D 134 24.55 -13.21 -1.96
C PRO D 134 23.53 -12.44 -1.10
N THR D 135 22.37 -12.09 -1.66
CA THR D 135 21.37 -11.33 -0.90
C THR D 135 20.11 -12.13 -0.60
N ASP D 136 19.16 -11.53 0.11
CA ASP D 136 17.90 -12.20 0.40
C ASP D 136 17.30 -12.48 -0.97
N HIS D 137 16.44 -13.48 -1.06
CA HIS D 137 15.88 -13.81 -2.36
C HIS D 137 14.69 -14.74 -2.28
N VAL D 138 13.93 -14.77 -3.37
CA VAL D 138 12.79 -15.64 -3.50
C VAL D 138 13.30 -16.73 -4.44
N GLY D 139 13.07 -17.99 -4.07
CA GLY D 139 13.54 -19.07 -4.92
C GLY D 139 12.49 -20.13 -5.20
N ILE D 140 12.63 -20.79 -6.34
CA ILE D 140 11.72 -21.86 -6.68
C ILE D 140 12.53 -23.13 -6.51
N ASP D 141 12.10 -23.97 -5.57
CA ASP D 141 12.81 -25.20 -5.25
C ASP D 141 12.11 -26.47 -5.72
N VAL D 142 12.91 -27.42 -6.16
CA VAL D 142 12.42 -28.71 -6.60
C VAL D 142 13.32 -29.77 -5.95
N ASN D 143 12.79 -30.40 -4.89
CA ASN D 143 13.50 -31.43 -4.14
C ASN D 143 14.86 -31.00 -3.60
N SER D 144 15.09 -29.69 -3.47
CA SER D 144 16.36 -29.20 -2.97
C SER D 144 16.33 -27.70 -2.64
N VAL D 145 17.08 -27.29 -1.61
CA VAL D 145 17.13 -25.87 -1.27
C VAL D 145 18.19 -25.18 -2.13
N ASP D 146 18.80 -25.95 -3.02
CA ASP D 146 19.77 -25.41 -3.96
C ASP D 146 18.78 -25.09 -5.08
N SER D 147 18.14 -23.93 -4.94
CA SER D 147 17.10 -23.47 -5.87
C SER D 147 17.34 -23.65 -7.35
N VAL D 148 16.29 -24.04 -8.05
CA VAL D 148 16.34 -24.21 -9.50
C VAL D 148 16.53 -22.80 -10.08
N LYS D 149 16.05 -21.81 -9.35
CA LYS D 149 16.13 -20.42 -9.81
C LYS D 149 15.80 -19.48 -8.64
N THR D 150 16.40 -18.30 -8.64
CA THR D 150 16.14 -17.31 -7.60
C THR D 150 16.09 -15.90 -8.18
N VAL D 151 15.52 -14.98 -7.42
CA VAL D 151 15.44 -13.59 -7.84
C VAL D 151 15.75 -12.74 -6.61
N PRO D 152 16.57 -11.69 -6.77
CA PRO D 152 16.91 -10.84 -5.63
C PRO D 152 15.66 -10.29 -4.96
N TRP D 153 15.70 -10.24 -3.64
CA TRP D 153 14.58 -9.76 -2.85
C TRP D 153 15.16 -9.12 -1.59
N ASN D 154 14.29 -8.62 -0.72
CA ASN D 154 14.73 -7.98 0.52
C ASN D 154 13.68 -8.19 1.60
N SER D 155 14.08 -8.85 2.68
CA SER D 155 13.15 -9.10 3.78
C SER D 155 13.19 -7.94 4.76
N VAL D 156 12.10 -7.20 4.85
CA VAL D 156 12.04 -6.07 5.77
C VAL D 156 11.42 -6.50 7.09
N SER D 157 12.21 -6.36 8.15
CA SER D 157 11.77 -6.73 9.49
C SER D 157 10.52 -5.97 9.93
N GLY D 158 9.48 -6.71 10.30
CA GLY D 158 8.24 -6.10 10.75
C GLY D 158 7.27 -5.79 9.64
N ALA D 159 7.69 -6.03 8.41
CA ALA D 159 6.82 -5.76 7.26
C ALA D 159 5.94 -6.94 6.88
N VAL D 160 4.68 -6.65 6.62
CA VAL D 160 3.73 -7.67 6.19
C VAL D 160 3.96 -7.82 4.69
N VAL D 161 4.08 -9.05 4.24
CA VAL D 161 4.30 -9.31 2.82
C VAL D 161 3.17 -10.15 2.23
N LYS D 162 2.72 -9.77 1.04
CA LYS D 162 1.66 -10.53 0.38
C LYS D 162 2.27 -11.26 -0.80
N VAL D 163 1.85 -12.51 -0.99
CA VAL D 163 2.34 -13.33 -2.08
C VAL D 163 1.18 -13.94 -2.85
N THR D 164 1.34 -14.02 -4.16
CA THR D 164 0.32 -14.61 -5.00
C THR D 164 1.03 -15.61 -5.91
N VAL D 165 0.52 -16.83 -5.94
CA VAL D 165 1.12 -17.89 -6.74
C VAL D 165 0.11 -18.51 -7.69
N ILE D 166 0.51 -18.63 -8.95
CA ILE D 166 -0.34 -19.24 -9.96
C ILE D 166 0.40 -20.39 -10.60
N TYR D 167 -0.27 -21.54 -10.68
CA TYR D 167 0.34 -22.67 -11.36
C TYR D 167 -0.57 -23.03 -12.51
N ASP D 168 -0.07 -22.85 -13.73
CA ASP D 168 -0.84 -23.18 -14.93
C ASP D 168 -0.42 -24.58 -15.34
N SER D 169 -1.34 -25.54 -15.25
CA SER D 169 -1.02 -26.92 -15.57
C SER D 169 -0.57 -27.18 -17.01
N SER D 170 -1.26 -26.58 -17.98
CA SER D 170 -0.93 -26.77 -19.38
C SER D 170 0.50 -26.38 -19.76
N THR D 171 0.99 -25.28 -19.20
CA THR D 171 2.35 -24.85 -19.48
C THR D 171 3.27 -25.28 -18.35
N LYS D 172 2.69 -25.98 -17.38
CA LYS D 172 3.44 -26.45 -16.21
C LYS D 172 4.26 -25.31 -15.60
N THR D 173 3.72 -24.10 -15.66
CA THR D 173 4.43 -22.94 -15.13
C THR D 173 3.95 -22.46 -13.76
N LEU D 174 4.93 -22.25 -12.89
CA LEU D 174 4.69 -21.75 -11.54
C LEU D 174 5.14 -20.29 -11.53
N SER D 175 4.21 -19.37 -11.34
CA SER D 175 4.51 -17.93 -11.31
C SER D 175 4.27 -17.37 -9.93
N VAL D 176 5.18 -16.53 -9.47
CA VAL D 176 5.07 -15.94 -8.14
C VAL D 176 5.19 -14.42 -8.17
N ALA D 177 4.33 -13.74 -7.40
CA ALA D 177 4.36 -12.28 -7.31
C ALA D 177 4.40 -11.93 -5.83
N VAL D 178 5.45 -11.22 -5.42
CA VAL D 178 5.65 -10.82 -4.03
C VAL D 178 5.52 -9.29 -3.87
N THR D 179 4.60 -8.85 -3.01
CA THR D 179 4.39 -7.43 -2.78
C THR D 179 5.14 -6.94 -1.56
N ASN D 180 6.25 -6.25 -1.82
CA ASN D 180 7.14 -5.70 -0.79
C ASN D 180 6.61 -4.50 -0.02
N ASP D 181 7.35 -4.10 1.00
CA ASP D 181 6.99 -2.97 1.86
C ASP D 181 7.11 -1.63 1.15
N ASN D 182 8.16 -1.46 0.36
CA ASN D 182 8.36 -0.18 -0.34
C ASN D 182 7.40 0.02 -1.51
N GLY D 183 6.55 -0.97 -1.77
CA GLY D 183 5.60 -0.85 -2.85
C GLY D 183 5.89 -1.69 -4.08
N ASP D 184 7.17 -1.92 -4.37
CA ASP D 184 7.55 -2.70 -5.55
C ASP D 184 7.06 -4.14 -5.47
N ILE D 185 6.93 -4.77 -6.63
CA ILE D 185 6.54 -6.16 -6.70
C ILE D 185 7.77 -6.89 -7.22
N THR D 186 7.95 -8.12 -6.74
CA THR D 186 9.07 -8.95 -7.16
C THR D 186 8.43 -10.19 -7.72
N THR D 187 8.86 -10.64 -8.89
CA THR D 187 8.30 -11.86 -9.47
C THR D 187 9.38 -12.83 -9.91
N ILE D 188 8.96 -14.08 -10.08
CA ILE D 188 9.82 -15.16 -10.53
C ILE D 188 8.87 -16.24 -11.04
N ALA D 189 9.23 -16.87 -12.15
CA ALA D 189 8.42 -17.93 -12.73
C ALA D 189 9.33 -19.02 -13.23
N GLN D 190 8.85 -20.26 -13.16
CA GLN D 190 9.65 -21.39 -13.59
C GLN D 190 8.78 -22.56 -13.95
N VAL D 191 9.15 -23.25 -15.02
CA VAL D 191 8.43 -24.42 -15.45
C VAL D 191 8.80 -25.56 -14.50
N VAL D 192 7.78 -26.14 -13.86
CA VAL D 192 7.99 -27.25 -12.95
C VAL D 192 6.87 -28.25 -13.20
N ASP D 193 7.25 -29.45 -13.62
CA ASP D 193 6.32 -30.52 -13.93
C ASP D 193 5.87 -31.18 -12.62
N LEU D 194 4.82 -30.66 -12.01
CA LEU D 194 4.35 -31.21 -10.74
C LEU D 194 4.04 -32.70 -10.78
N LYS D 195 3.46 -33.17 -11.89
CA LYS D 195 3.11 -34.57 -12.03
C LYS D 195 4.33 -35.48 -12.03
N ALA D 196 5.44 -34.98 -12.56
CA ALA D 196 6.67 -35.76 -12.61
C ALA D 196 7.44 -35.71 -11.29
N LYS D 197 7.24 -34.65 -10.52
CA LYS D 197 7.98 -34.49 -9.26
C LYS D 197 7.24 -34.86 -7.98
N LEU D 198 5.91 -34.83 -8.01
CA LEU D 198 5.13 -35.12 -6.82
C LEU D 198 4.08 -36.20 -7.02
N PRO D 199 3.71 -36.90 -5.93
CA PRO D 199 2.69 -37.96 -6.01
C PRO D 199 1.31 -37.40 -6.30
N GLU D 200 0.38 -38.30 -6.61
CA GLU D 200 -1.00 -37.97 -6.94
C GLU D 200 -1.70 -37.08 -5.91
N ARG D 201 -1.49 -37.38 -4.63
CA ARG D 201 -2.08 -36.59 -3.56
C ARG D 201 -0.97 -36.00 -2.72
N VAL D 202 -1.08 -34.69 -2.45
CA VAL D 202 -0.06 -34.01 -1.67
C VAL D 202 -0.67 -33.10 -0.63
N LYS D 203 0.19 -32.53 0.21
CA LYS D 203 -0.24 -31.57 1.21
C LYS D 203 0.53 -30.28 0.96
N PHE D 204 -0.17 -29.16 1.08
CA PHE D 204 0.43 -27.83 0.90
C PHE D 204 0.66 -27.27 2.29
N GLY D 205 1.69 -26.42 2.44
CA GLY D 205 1.97 -25.83 3.74
C GLY D 205 3.11 -24.84 3.76
N PHE D 206 3.52 -24.46 4.97
CA PHE D 206 4.61 -23.52 5.16
C PHE D 206 5.60 -24.07 6.15
N SER D 207 6.86 -23.73 5.98
CA SER D 207 7.91 -24.19 6.88
C SER D 207 8.95 -23.10 7.08
N ALA D 208 9.56 -23.07 8.26
CA ALA D 208 10.60 -22.09 8.56
C ALA D 208 11.54 -22.77 9.55
N SER D 209 12.77 -22.28 9.61
CA SER D 209 13.75 -22.86 10.51
C SER D 209 14.75 -21.82 10.99
N GLY D 210 15.56 -22.21 11.97
CA GLY D 210 16.57 -21.32 12.53
C GLY D 210 17.73 -22.19 12.98
N SER D 211 18.80 -21.57 13.45
CA SER D 211 19.97 -22.33 13.91
C SER D 211 20.36 -21.86 15.31
N LEU D 212 21.63 -22.04 15.66
CA LEU D 212 22.13 -21.63 16.97
C LEU D 212 22.12 -20.11 17.02
N GLY D 213 22.81 -19.50 16.06
CA GLY D 213 22.88 -18.04 16.01
C GLY D 213 21.94 -17.38 15.01
N GLY D 214 21.21 -18.18 14.25
CA GLY D 214 20.29 -17.63 13.27
C GLY D 214 18.84 -17.85 13.67
N ARG D 215 18.17 -16.78 14.10
CA ARG D 215 16.79 -16.87 14.51
C ARG D 215 16.05 -15.58 14.24
N GLN D 216 14.75 -15.70 13.97
CA GLN D 216 13.92 -14.53 13.71
C GLN D 216 12.48 -14.98 13.81
N ILE D 217 11.57 -14.01 13.84
CA ILE D 217 10.16 -14.32 13.90
C ILE D 217 9.67 -14.65 12.50
N HIS D 218 9.05 -15.83 12.35
CA HIS D 218 8.48 -16.26 11.08
C HIS D 218 6.99 -16.39 11.30
N LEU D 219 6.21 -15.47 10.73
CA LEU D 219 4.76 -15.50 10.90
C LEU D 219 3.97 -15.68 9.61
N ILE D 220 2.90 -16.47 9.70
CA ILE D 220 1.99 -16.69 8.58
C ILE D 220 0.72 -16.00 9.07
N ARG D 221 0.27 -14.98 8.36
CA ARG D 221 -0.91 -14.23 8.78
C ARG D 221 -2.23 -14.67 8.14
N SER D 222 -2.21 -15.03 6.87
CA SER D 222 -3.41 -15.47 6.18
C SER D 222 -3.03 -16.37 5.03
N TRP D 223 -4.02 -17.01 4.42
CA TRP D 223 -3.76 -17.93 3.31
C TRP D 223 -5.04 -18.37 2.63
N SER D 224 -5.17 -18.04 1.35
CA SER D 224 -6.31 -18.44 0.54
C SER D 224 -5.78 -19.40 -0.52
N PHE D 225 -6.60 -20.35 -0.92
CA PHE D 225 -6.17 -21.34 -1.89
C PHE D 225 -7.32 -21.93 -2.71
N THR D 226 -7.05 -22.16 -3.98
CA THR D 226 -8.02 -22.76 -4.87
C THR D 226 -7.28 -23.55 -5.93
N SER D 227 -7.62 -24.82 -6.08
CA SER D 227 -7.01 -25.68 -7.08
C SER D 227 -8.14 -26.35 -7.84
N THR D 228 -7.95 -26.58 -9.13
CA THR D 228 -8.98 -27.21 -9.94
C THR D 228 -8.37 -28.23 -10.88
N LEU D 229 -8.84 -29.46 -10.75
CA LEU D 229 -8.38 -30.57 -11.58
C LEU D 229 -9.49 -30.96 -12.55
N ILE D 230 -9.19 -30.87 -13.84
CA ILE D 230 -10.15 -31.22 -14.88
C ILE D 230 -10.29 -32.74 -14.96
N THR D 231 -11.54 -33.22 -14.89
CA THR D 231 -11.81 -34.65 -14.96
C THR D 231 -12.62 -34.99 -16.21
N THR D 232 -12.02 -35.73 -17.13
CA THR D 232 -12.70 -36.12 -18.36
C THR D 232 -12.70 -37.63 -18.55
C1 GAL E . -23.94 -15.19 -37.36
C2 GAL E . -22.75 -14.33 -36.93
C3 GAL E . -23.26 -13.04 -36.29
C4 GAL E . -24.17 -12.31 -37.28
C5 GAL E . -25.31 -13.25 -37.68
C6 GAL E . -26.30 -12.65 -38.67
O1 GAL E . -23.49 -16.33 -38.01
O2 GAL E . -21.93 -15.04 -36.00
O3 GAL E . -22.12 -12.21 -35.93
O4 GAL E . -23.43 -11.95 -38.44
O5 GAL E . -24.78 -14.46 -38.27
O6 GAL E . -25.63 -12.07 -39.77
C1 GAL E . -22.38 -10.97 -35.30
C2 GAL E . -21.08 -10.44 -34.69
C3 GAL E . -20.65 -11.33 -33.53
C4 GAL E . -21.78 -11.41 -32.48
C5 GAL E . -23.05 -11.91 -33.17
C6 GAL E . -24.26 -11.94 -32.26
O2 GAL E . -20.07 -10.42 -35.68
O3 GAL E . -19.48 -10.80 -32.93
O4 GAL E . -22.03 -10.12 -31.93
O5 GAL E . -23.39 -11.06 -34.29
O6 GAL E . -25.24 -12.84 -32.73
C1 GAL F . 21.20 41.75 -2.13
C2 GAL F . 19.95 41.02 -2.67
C3 GAL F . 20.40 39.85 -3.54
C4 GAL F . 21.30 40.37 -4.66
C5 GAL F . 22.49 41.09 -4.03
C6 GAL F . 23.46 41.65 -5.07
O1 GAL F . 20.80 42.88 -1.42
O2 GAL F . 19.15 40.57 -1.59
O3 GAL F . 19.24 39.18 -4.09
O4 GAL F . 20.55 41.27 -5.47
O5 GAL F . 22.03 42.19 -3.22
O6 GAL F . 22.88 42.72 -5.79
C1 GAL F . 19.45 38.11 -4.95
C2 GAL F . 18.16 37.28 -5.04
C3 GAL F . 17.93 36.56 -3.70
C4 GAL F . 19.14 35.70 -3.35
C5 GAL F . 20.39 36.60 -3.31
C6 GAL F . 21.67 35.85 -3.04
O2 GAL F . 17.06 38.13 -5.32
O3 GAL F . 16.76 35.76 -3.78
O4 GAL F . 19.30 34.68 -4.33
O5 GAL F . 20.55 37.28 -4.58
O6 GAL F . 22.71 36.74 -2.66
C1 GAL G . -26.53 -4.28 26.15
C2 GAL G . -25.03 -3.83 26.27
C3 GAL G . -24.51 -3.47 24.86
C4 GAL G . -24.67 -4.70 23.92
C5 GAL G . -26.17 -5.09 23.86
C6 GAL G . -26.45 -6.33 23.00
O1 GAL G . -27.26 -3.18 25.70
O2 GAL G . -24.91 -2.73 27.15
O3 GAL G . -23.14 -2.94 24.87
O4 GAL G . -23.89 -5.81 24.37
O5 GAL G . -26.67 -5.37 25.21
O6 GAL G . -26.26 -7.57 23.72
C1 GAL G . -22.06 -3.53 25.57
C2 GAL G . -20.98 -2.45 25.87
C3 GAL G . -20.27 -1.96 24.57
C4 GAL G . -19.82 -3.13 23.64
C5 GAL G . -20.99 -4.13 23.48
C6 GAL G . -20.67 -5.40 22.72
O2 GAL G . -21.61 -1.34 26.51
O3 GAL G . -19.13 -1.17 24.92
O4 GAL G . -18.66 -3.78 24.15
O5 GAL G . -21.45 -4.56 24.79
O6 GAL G . -21.86 -5.92 22.13
C1 GAL H . 28.99 -21.73 9.84
C2 GAL H . 27.47 -21.89 9.78
C3 GAL H . 26.88 -20.54 9.38
C4 GAL H . 27.26 -19.49 10.44
C5 GAL H . 28.79 -19.42 10.51
C6 GAL H . 29.27 -18.47 11.59
O1 GAL H . 29.58 -22.92 10.20
O2 GAL H . 27.13 -22.88 8.81
O3 GAL H . 25.45 -20.61 9.19
O4 GAL H . 26.75 -19.87 11.70
O5 GAL H . 29.34 -20.72 10.82
O6 GAL H . 29.32 -19.13 12.86
C1 GAL H . 24.61 -21.10 10.20
C2 GAL H . 23.43 -21.82 9.55
C3 GAL H . 22.65 -20.82 8.68
C4 GAL H . 22.20 -19.61 9.51
C5 GAL H . 23.40 -19.02 10.27
C6 GAL H . 23.02 -17.95 11.26
O2 GAL H . 23.91 -22.89 8.74
O3 GAL H . 21.52 -21.45 8.09
O4 GAL H . 21.19 -20.00 10.43
O5 GAL H . 24.10 -20.05 11.01
O6 GAL H . 24.17 -17.25 11.72
CA CA I . -15.51 -13.89 -30.28
MN MN J . -11.92 -15.29 -28.96
S SO4 K . 16.04 3.82 -16.73
O1 SO4 K . 16.61 3.99 -18.09
O2 SO4 K . 17.02 3.11 -15.87
O3 SO4 K . 15.74 5.14 -16.15
O4 SO4 K . 14.80 3.03 -16.81
CA CA L . 13.59 34.11 0.36
MN MN M . 10.24 33.23 2.62
S SO4 N . -18.19 13.71 -7.71
O1 SO4 N . -17.46 12.70 -8.49
O2 SO4 N . -18.18 13.33 -6.28
O3 SO4 N . -17.53 15.02 -7.88
O4 SO4 N . -19.58 13.80 -8.18
CA CA O . -17.79 3.32 21.36
MN MN P . -16.61 6.95 19.97
S SO4 Q . 12.11 26.52 30.97
O1 SO4 Q . 12.22 26.94 29.56
O2 SO4 Q . 12.84 25.26 31.18
O3 SO4 Q . 12.67 27.57 31.85
O4 SO4 Q . 10.68 26.34 31.31
CA CA R . 19.58 -19.84 2.97
MN MN S . 17.97 -19.95 -0.97
S SO4 T . -10.89 -38.66 -12.93
O1 SO4 T . -11.88 -39.75 -13.05
O2 SO4 T . -9.55 -39.24 -12.78
O3 SO4 T . -10.93 -37.83 -14.16
O4 SO4 T . -11.20 -37.83 -11.76
#